data_4XS9
#
_entry.id   4XS9
#
_cell.length_a   89.798
_cell.length_b   89.798
_cell.length_c   303.038
_cell.angle_alpha   90.00
_cell.angle_beta   90.00
_cell.angle_gamma   120.00
#
_symmetry.space_group_name_H-M   'P 65 2 2'
#
loop_
_entity.id
_entity.type
_entity.pdbx_description
1 polymer 'Daunorubicin-doxorubicin polyketide synthase'
2 non-polymer N~3~-[(2R)-2-hydroxy-3,3-dimethyl-4-(phosphonooxy)butanoyl]-N-[2-(propanoylamino)ethyl]-beta-alaninamide
3 water water
#
_entity_poly.entity_id   1
_entity_poly.type   'polypeptide(L)'
_entity_poly.pdbx_seq_one_letter_code
;MGSSHHHHHHSSGLVPRGSHMSVPQGAPGDLYVAGCGVWLPPPVTTEQALAAGHCDRRLASSTRMLSVAVADKETPAEMA
ALAAQTALDRSGVAPAHVDLVLHASLYFQGHHLWAPSSYVQRVAVGNRCPAMEVRQVSNGGMAALELARAYLLAAPDRVA
ALITTGDRMHPPGFDRWSSDPGTVYADGGTALVLSRQGGFARLRSLVTVSEPVLEGMHRGGHPFGPPSPEEQRAVDLDAH
KRAYVAEAGSSFSVARVSAGQEEALTGALEAAGAGLDDISRVVLPHMGWRRLSAAYFNKWHIQPERTTWEFGRRTGHLGG
GDPIAGFDHLVGSGRLAPGELCLLVSVGAGFSWSCAVVELLERPSWAAAPAAR
;
_entity_poly.pdbx_strand_id   A,B
#
# COMPACT_ATOMS: atom_id res chain seq x y z
N GLY A 29 10.47 -22.19 8.20
CA GLY A 29 9.89 -21.08 8.93
C GLY A 29 10.86 -20.40 9.89
N ASP A 30 11.99 -19.93 9.37
CA ASP A 30 13.05 -19.33 10.20
C ASP A 30 12.89 -17.83 10.46
N LEU A 31 11.66 -17.34 10.47
CA LEU A 31 11.43 -15.97 10.94
C LEU A 31 10.87 -15.99 12.36
N TYR A 32 11.08 -14.89 13.09
CA TYR A 32 10.60 -14.80 14.45
C TYR A 32 9.72 -13.57 14.63
N VAL A 33 8.79 -13.64 15.57
CA VAL A 33 8.16 -12.42 16.06
C VAL A 33 9.00 -11.93 17.25
N ALA A 34 9.52 -10.70 17.15
CA ALA A 34 10.41 -10.18 18.19
C ALA A 34 9.70 -9.20 19.08
N GLY A 35 8.65 -8.58 18.55
CA GLY A 35 7.90 -7.61 19.31
C GLY A 35 6.54 -7.38 18.69
N CYS A 36 5.61 -6.91 19.52
CA CYS A 36 4.32 -6.49 19.06
C CYS A 36 3.77 -5.53 20.08
N GLY A 37 2.73 -4.80 19.70
CA GLY A 37 2.07 -3.90 20.61
C GLY A 37 0.87 -3.28 19.94
N VAL A 38 0.06 -2.60 20.74
CA VAL A 38 -1.11 -1.90 20.22
C VAL A 38 -1.20 -0.55 20.92
N TRP A 39 -1.94 0.36 20.29
CA TRP A 39 -2.36 1.55 21.00
C TRP A 39 -3.84 1.74 20.69
N LEU A 40 -4.67 1.54 21.71
CA LEU A 40 -6.11 1.64 21.56
C LEU A 40 -6.67 2.81 22.38
N PRO A 41 -7.41 3.71 21.72
CA PRO A 41 -8.08 4.81 22.41
C PRO A 41 -9.20 4.25 23.30
N PRO A 42 -9.78 5.08 24.19
CA PRO A 42 -10.79 4.61 25.16
C PRO A 42 -12.03 3.98 24.54
N PRO A 43 -12.60 2.97 25.20
CA PRO A 43 -13.75 2.23 24.67
C PRO A 43 -15.05 3.03 24.78
N VAL A 44 -15.95 2.81 23.83
CA VAL A 44 -17.33 3.28 23.92
C VAL A 44 -18.14 2.00 24.02
N THR A 45 -19.01 1.90 25.02
CA THR A 45 -19.78 0.68 25.23
C THR A 45 -20.98 0.62 24.29
N THR A 46 -21.46 -0.59 24.02
CA THR A 46 -22.66 -0.77 23.20
C THR A 46 -23.84 -0.01 23.79
N GLU A 47 -23.92 -0.02 25.11
CA GLU A 47 -24.91 0.75 25.84
C GLU A 47 -24.89 2.24 25.50
N GLN A 48 -23.72 2.84 25.51
CA GLN A 48 -23.55 4.23 25.08
C GLN A 48 -23.99 4.39 23.64
N ALA A 49 -23.63 3.44 22.79
CA ALA A 49 -23.97 3.51 21.37
C ALA A 49 -25.47 3.43 21.17
N LEU A 50 -26.11 2.48 21.87
CA LEU A 50 -27.56 2.33 21.84
C LEU A 50 -28.24 3.63 22.26
N ALA A 51 -27.80 4.19 23.40
CA ALA A 51 -28.37 5.43 23.91
C ALA A 51 -28.15 6.60 22.95
N ALA A 52 -27.03 6.60 22.24
CA ALA A 52 -26.73 7.68 21.30
C ALA A 52 -27.48 7.51 19.98
N GLY A 53 -28.07 6.35 19.77
CA GLY A 53 -28.74 6.06 18.50
C GLY A 53 -27.78 5.65 17.38
N HIS A 54 -26.58 5.20 17.75
CA HIS A 54 -25.58 4.79 16.75
C HIS A 54 -25.78 3.32 16.41
N CYS A 55 -26.44 2.62 17.31
CA CYS A 55 -26.60 1.17 17.23
C CYS A 55 -28.08 0.89 17.52
N ASP A 56 -28.71 -0.02 16.77
CA ASP A 56 -30.04 -0.50 17.16
C ASP A 56 -29.98 -1.80 17.97
N ARG A 57 -31.08 -2.21 18.54
CA ARG A 57 -31.08 -3.32 19.44
C ARG A 57 -30.84 -4.64 18.74
N ARG A 58 -31.30 -4.74 17.52
CA ARG A 58 -31.14 -5.91 16.69
C ARG A 58 -29.66 -6.15 16.36
N LEU A 59 -28.97 -5.08 16.03
CA LEU A 59 -27.54 -5.16 15.70
C LEU A 59 -26.71 -5.49 16.94
N ALA A 60 -27.08 -4.90 18.08
CA ALA A 60 -26.34 -5.12 19.31
C ALA A 60 -26.40 -6.58 19.69
N SER A 61 -27.60 -7.13 19.54
CA SER A 61 -27.85 -8.52 19.85
C SER A 61 -27.14 -9.45 18.86
N SER A 62 -27.26 -9.15 17.56
CA SER A 62 -26.69 -10.06 16.57
C SER A 62 -25.16 -10.08 16.63
N THR A 63 -24.54 -8.92 16.90
CA THR A 63 -23.07 -8.86 16.92
C THR A 63 -22.49 -9.25 18.27
N ARG A 64 -23.27 -9.03 19.34
CA ARG A 64 -22.83 -9.28 20.72
C ARG A 64 -21.57 -8.49 21.11
N MET A 65 -21.33 -7.37 20.44
CA MET A 65 -20.23 -6.47 20.82
C MET A 65 -20.50 -5.85 22.18
N LEU A 66 -19.44 -5.74 22.99
CA LEU A 66 -19.54 -5.06 24.29
C LEU A 66 -19.05 -3.62 24.20
N SER A 67 -17.99 -3.39 23.42
CA SER A 67 -17.47 -2.04 23.28
C SER A 67 -16.54 -1.91 22.07
N VAL A 68 -16.22 -0.68 21.71
CA VAL A 68 -15.34 -0.45 20.57
C VAL A 68 -14.41 0.72 20.88
N ALA A 69 -13.13 0.55 20.59
CA ALA A 69 -12.15 1.62 20.80
C ALA A 69 -12.45 2.76 19.84
N VAL A 70 -12.53 3.98 20.37
CA VAL A 70 -12.86 5.14 19.57
C VAL A 70 -11.90 6.28 19.89
N ALA A 71 -11.30 6.84 18.85
CA ALA A 71 -10.34 7.92 19.03
C ALA A 71 -11.04 9.25 19.14
N ASP A 72 -10.49 10.14 19.95
CA ASP A 72 -10.98 11.50 20.05
C ASP A 72 -10.23 12.41 19.08
N LYS A 73 -8.97 12.70 19.41
CA LYS A 73 -8.15 13.57 18.57
C LYS A 73 -7.14 12.79 17.75
N GLU A 74 -6.83 11.56 18.17
CA GLU A 74 -5.75 10.79 17.51
C GLU A 74 -6.06 10.44 16.05
N THR A 75 -5.04 10.54 15.19
CA THR A 75 -5.18 10.22 13.77
C THR A 75 -4.53 8.86 13.50
N PRO A 76 -4.80 8.25 12.32
CA PRO A 76 -4.29 6.90 12.04
C PRO A 76 -2.78 6.69 12.23
N ALA A 77 -1.95 7.54 11.61
CA ALA A 77 -0.51 7.33 11.70
C ALA A 77 0.01 7.57 13.11
N GLU A 78 -0.62 8.49 13.83
CA GLU A 78 -0.25 8.77 15.22
C GLU A 78 -0.43 7.53 16.08
N MET A 79 -1.58 6.87 15.95
CA MET A 79 -1.84 5.65 16.70
C MET A 79 -0.92 4.50 16.26
N ALA A 80 -0.64 4.42 14.96
CA ALA A 80 0.26 3.38 14.47
C ALA A 80 1.66 3.56 15.04
N ALA A 81 2.08 4.82 15.13
CA ALA A 81 3.42 5.14 15.62
C ALA A 81 3.57 4.85 17.11
N LEU A 82 2.52 5.13 17.88
CA LEU A 82 2.52 4.77 19.30
C LEU A 82 2.64 3.26 19.49
N ALA A 83 1.90 2.48 18.70
CA ALA A 83 1.97 1.03 18.83
C ALA A 83 3.37 0.54 18.45
N ALA A 84 3.96 1.18 17.45
CA ALA A 84 5.29 0.81 16.98
C ALA A 84 6.36 1.10 18.04
N GLN A 85 6.26 2.24 18.72
CA GLN A 85 7.18 2.53 19.81
C GLN A 85 7.14 1.41 20.85
N THR A 86 5.93 0.97 21.19
CA THR A 86 5.75 -0.12 22.14
C THR A 86 6.37 -1.41 21.60
N ALA A 87 6.05 -1.76 20.35
CA ALA A 87 6.55 -3.00 19.75
C ALA A 87 8.07 -3.02 19.68
N LEU A 88 8.65 -1.89 19.27
CA LEU A 88 10.10 -1.79 19.13
C LEU A 88 10.83 -1.87 20.47
N ASP A 89 10.36 -1.10 21.45
CA ASP A 89 10.90 -1.14 22.80
C ASP A 89 10.88 -2.56 23.38
N ARG A 90 9.73 -3.22 23.29
CA ARG A 90 9.62 -4.62 23.71
C ARG A 90 10.60 -5.56 23.00
N SER A 91 10.80 -5.36 21.69
CA SER A 91 11.63 -6.26 20.91
C SER A 91 13.12 -6.14 21.23
N GLY A 92 13.54 -4.99 21.74
CA GLY A 92 14.95 -4.74 22.04
C GLY A 92 15.81 -4.60 20.79
N VAL A 93 15.17 -4.62 19.62
CA VAL A 93 15.86 -4.49 18.35
C VAL A 93 16.25 -3.04 18.09
N ALA A 94 17.49 -2.83 17.67
CA ALA A 94 17.97 -1.50 17.33
C ALA A 94 17.30 -0.96 16.07
N PRO A 95 16.98 0.35 16.06
CA PRO A 95 16.38 0.99 14.88
C PRO A 95 17.19 0.71 13.61
N ALA A 96 18.52 0.64 13.73
CA ALA A 96 19.38 0.36 12.59
C ALA A 96 19.14 -1.03 12.00
N HIS A 97 18.62 -1.94 12.82
CA HIS A 97 18.35 -3.29 12.37
C HIS A 97 16.97 -3.40 11.72
N VAL A 98 16.23 -2.28 11.69
CA VAL A 98 14.94 -2.28 11.01
C VAL A 98 15.19 -1.98 9.53
N ASP A 99 14.96 -2.97 8.67
CA ASP A 99 15.31 -2.83 7.25
C ASP A 99 14.14 -2.46 6.36
N LEU A 100 12.93 -2.48 6.90
CA LEU A 100 11.74 -2.13 6.15
C LEU A 100 10.64 -1.69 7.11
N VAL A 101 9.88 -0.67 6.73
CA VAL A 101 8.71 -0.23 7.47
C VAL A 101 7.50 -0.28 6.55
N LEU A 102 6.49 -1.07 6.92
CA LEU A 102 5.25 -1.17 6.14
C LEU A 102 4.07 -0.78 7.00
N HIS A 103 3.27 0.19 6.53
CA HIS A 103 2.10 0.66 7.27
C HIS A 103 0.84 0.25 6.52
N ALA A 104 -0.02 -0.54 7.16
CA ALA A 104 -1.24 -1.01 6.49
C ALA A 104 -2.48 -0.30 7.04
N SER A 105 -3.46 -0.05 6.17
CA SER A 105 -4.71 0.59 6.59
C SER A 105 -5.79 0.36 5.55
N LEU A 106 -7.04 0.59 5.92
CA LEU A 106 -8.12 0.43 4.96
C LEU A 106 -8.96 1.68 4.70
N TYR A 107 -8.68 2.79 5.39
CA TYR A 107 -9.50 3.97 5.23
C TYR A 107 -8.62 5.23 5.21
N PHE A 108 -9.24 6.39 4.98
CA PHE A 108 -8.51 7.64 4.79
C PHE A 108 -7.54 7.93 5.91
N GLN A 109 -6.29 8.20 5.56
CA GLN A 109 -5.23 8.40 6.56
C GLN A 109 -5.16 9.83 7.05
N GLY A 110 -5.98 10.71 6.50
CA GLY A 110 -6.12 12.05 7.07
C GLY A 110 -5.61 13.19 6.21
N HIS A 111 -4.59 12.89 5.40
CA HIS A 111 -4.06 13.87 4.44
C HIS A 111 -3.70 13.18 3.13
N HIS A 112 -4.11 13.79 2.02
CA HIS A 112 -3.83 13.24 0.69
C HIS A 112 -2.42 13.62 0.25
N LEU A 113 -1.80 12.76 -0.57
CA LEU A 113 -0.45 13.02 -1.10
C LEU A 113 0.55 13.28 0.03
N TRP A 114 0.34 12.56 1.13
CA TRP A 114 1.19 12.63 2.31
C TRP A 114 1.57 11.20 2.63
N ALA A 115 2.70 11.00 3.29
CA ALA A 115 3.23 9.65 3.52
C ALA A 115 3.12 9.26 4.99
N PRO A 116 2.05 8.54 5.36
CA PRO A 116 1.88 8.11 6.76
C PRO A 116 3.00 7.19 7.22
N SER A 117 3.55 6.35 6.34
CA SER A 117 4.63 5.45 6.73
C SER A 117 5.89 6.24 7.11
N SER A 118 6.07 7.41 6.53
CA SER A 118 7.22 8.22 6.85
C SER A 118 7.00 8.89 8.20
N TYR A 119 5.74 9.19 8.53
CA TYR A 119 5.42 9.67 9.88
C TYR A 119 5.79 8.59 10.89
N VAL A 120 5.28 7.37 10.67
CA VAL A 120 5.63 6.24 11.54
C VAL A 120 7.15 6.09 11.67
N GLN A 121 7.86 6.15 10.55
CA GLN A 121 9.32 6.03 10.59
C GLN A 121 9.97 7.19 11.37
N ARG A 122 9.55 8.43 11.10
CA ARG A 122 10.14 9.58 11.78
C ARG A 122 9.99 9.45 13.30
N VAL A 123 8.77 9.10 13.73
CA VAL A 123 8.42 9.13 15.15
C VAL A 123 8.90 7.89 15.92
N ALA A 124 8.64 6.70 15.37
CA ALA A 124 8.88 5.45 16.09
C ALA A 124 10.21 4.75 15.81
N VAL A 125 10.84 5.03 14.67
CA VAL A 125 12.05 4.30 14.32
C VAL A 125 13.26 5.23 14.25
N GLY A 126 13.09 6.37 13.58
CA GLY A 126 14.18 7.32 13.44
C GLY A 126 15.31 6.80 12.57
N ASN A 127 15.00 5.83 11.71
CA ASN A 127 16.01 5.36 10.77
C ASN A 127 15.68 5.72 9.31
N ARG A 128 16.45 5.20 8.36
CA ARG A 128 16.25 5.58 6.96
C ARG A 128 16.08 4.46 5.94
N CYS A 129 15.53 3.33 6.37
CA CYS A 129 15.20 2.22 5.48
C CYS A 129 13.96 2.60 4.67
N PRO A 130 13.59 1.79 3.66
CA PRO A 130 12.36 2.16 2.94
C PRO A 130 11.13 2.08 3.85
N ALA A 131 10.20 3.01 3.62
CA ALA A 131 8.98 3.09 4.42
C ALA A 131 7.83 3.30 3.46
N MET A 132 6.87 2.40 3.47
CA MET A 132 5.76 2.59 2.56
C MET A 132 4.48 1.93 3.07
N GLU A 133 3.38 2.19 2.37
CA GLU A 133 2.11 1.60 2.73
C GLU A 133 1.84 0.34 1.95
N VAL A 134 1.15 -0.60 2.59
CA VAL A 134 0.64 -1.78 1.92
C VAL A 134 -0.85 -1.81 2.28
N ARG A 135 -1.72 -2.00 1.28
CA ARG A 135 -3.15 -2.17 1.60
C ARG A 135 -3.69 -3.43 0.97
N GLN A 136 -4.58 -4.11 1.71
CA GLN A 136 -5.32 -5.26 1.21
C GLN A 136 -6.60 -5.34 2.04
N VAL A 137 -7.25 -4.18 2.17
CA VAL A 137 -8.42 -3.96 3.06
C VAL A 137 -8.16 -4.66 4.41
N SER A 138 -9.12 -5.45 4.93
CA SER A 138 -8.93 -6.01 6.26
C SER A 138 -7.88 -7.09 6.35
N ASN A 139 -7.25 -7.45 5.24
CA ASN A 139 -6.16 -8.40 5.31
C ASN A 139 -4.79 -7.70 5.23
N GLY A 140 -4.78 -6.37 5.39
CA GLY A 140 -3.57 -5.60 5.15
C GLY A 140 -2.37 -5.89 6.04
N GLY A 141 -2.61 -6.32 7.28
CA GLY A 141 -1.50 -6.63 8.19
C GLY A 141 -0.75 -7.87 7.74
N MET A 142 -1.50 -8.91 7.38
CA MET A 142 -0.91 -10.15 6.89
C MET A 142 -0.33 -10.01 5.49
N ALA A 143 -0.97 -9.19 4.66
CA ALA A 143 -0.38 -8.85 3.36
C ALA A 143 0.98 -8.16 3.56
N ALA A 144 1.06 -7.25 4.52
CA ALA A 144 2.34 -6.59 4.81
C ALA A 144 3.34 -7.61 5.35
N LEU A 145 2.86 -8.56 6.15
CA LEU A 145 3.72 -9.59 6.70
C LEU A 145 4.30 -10.46 5.58
N GLU A 146 3.49 -10.74 4.55
CA GLU A 146 3.97 -11.48 3.38
C GLU A 146 5.11 -10.74 2.69
N LEU A 147 4.94 -9.45 2.46
CA LEU A 147 5.96 -8.69 1.74
C LEU A 147 7.21 -8.47 2.60
N ALA A 148 7.01 -8.33 3.91
CA ALA A 148 8.14 -8.14 4.83
C ALA A 148 8.96 -9.41 4.93
N ARG A 149 8.31 -10.56 5.04
CA ARG A 149 9.01 -11.85 5.01
C ARG A 149 9.90 -11.98 3.78
N ALA A 150 9.32 -11.70 2.61
CA ALA A 150 10.07 -11.78 1.37
C ALA A 150 11.25 -10.80 1.40
N TYR A 151 10.99 -9.59 1.88
CA TYR A 151 12.05 -8.57 1.91
C TYR A 151 13.22 -9.03 2.76
N LEU A 152 12.94 -9.55 3.95
CA LEU A 152 14.01 -10.01 4.84
C LEU A 152 14.76 -11.21 4.25
N LEU A 153 14.04 -12.09 3.56
CA LEU A 153 14.63 -13.29 2.99
C LEU A 153 15.41 -13.02 1.70
N ALA A 154 15.21 -11.87 1.08
CA ALA A 154 15.80 -11.59 -0.23
C ALA A 154 17.28 -11.16 -0.21
N ALA A 155 17.82 -10.84 0.97
CA ALA A 155 19.24 -10.49 1.11
C ALA A 155 19.75 -10.99 2.46
N PRO A 156 20.95 -11.60 2.47
CA PRO A 156 21.45 -12.38 3.61
C PRO A 156 21.69 -11.56 4.87
N ASP A 157 21.90 -10.26 4.71
CA ASP A 157 22.27 -9.41 5.83
C ASP A 157 21.11 -8.64 6.46
N ARG A 158 19.89 -8.83 5.99
CA ARG A 158 18.75 -8.10 6.55
C ARG A 158 18.32 -8.72 7.87
N VAL A 159 17.83 -7.88 8.79
CA VAL A 159 17.57 -8.35 10.15
C VAL A 159 16.09 -8.30 10.53
N ALA A 160 15.51 -7.10 10.58
CA ALA A 160 14.13 -6.96 11.04
C ALA A 160 13.26 -6.06 10.14
N ALA A 161 11.95 -6.20 10.28
CA ALA A 161 11.00 -5.35 9.58
C ALA A 161 9.90 -4.92 10.54
N LEU A 162 9.41 -3.70 10.37
CA LEU A 162 8.32 -3.20 11.20
C LEU A 162 7.05 -3.12 10.37
N ILE A 163 5.99 -3.76 10.85
CA ILE A 163 4.68 -3.64 10.22
C ILE A 163 3.76 -2.91 11.18
N THR A 164 3.03 -1.90 10.71
CA THR A 164 2.06 -1.21 11.56
C THR A 164 0.71 -1.15 10.88
N THR A 165 -0.35 -0.90 11.66
CA THR A 165 -1.65 -0.58 11.10
C THR A 165 -2.25 0.57 11.87
N GLY A 166 -3.17 1.29 11.24
CA GLY A 166 -3.82 2.41 11.89
C GLY A 166 -4.99 2.91 11.09
N ASP A 167 -6.12 3.13 11.74
CA ASP A 167 -7.28 3.71 11.07
C ASP A 167 -8.13 4.49 12.06
N ARG A 168 -8.94 5.39 11.53
CA ARG A 168 -9.86 6.18 12.33
C ARG A 168 -11.17 6.27 11.56
N MET A 169 -12.19 5.58 12.05
CA MET A 169 -13.41 5.34 11.26
C MET A 169 -14.55 6.21 11.80
N HIS A 170 -14.45 7.51 11.56
CA HIS A 170 -15.39 8.47 12.13
C HIS A 170 -16.41 8.90 11.09
N PRO A 171 -17.53 9.50 11.55
CA PRO A 171 -18.46 10.13 10.62
C PRO A 171 -17.77 11.33 9.95
N PRO A 172 -18.33 11.86 8.85
CA PRO A 172 -19.58 11.45 8.19
C PRO A 172 -19.34 10.36 7.13
N GLY A 173 -18.10 10.16 6.72
CA GLY A 173 -17.81 9.21 5.67
C GLY A 173 -18.05 7.77 6.07
N PHE A 174 -17.92 7.47 7.36
CA PHE A 174 -18.04 6.10 7.82
C PHE A 174 -18.88 5.98 9.10
N ASP A 175 -19.70 4.95 9.14
CA ASP A 175 -20.47 4.63 10.32
C ASP A 175 -19.95 3.30 10.86
N ARG A 176 -19.24 3.35 11.98
CA ARG A 176 -18.55 2.15 12.46
C ARG A 176 -19.51 1.01 12.82
N TRP A 177 -20.77 1.36 13.05
CA TRP A 177 -21.78 0.33 13.37
C TRP A 177 -22.56 -0.16 12.15
N SER A 178 -22.78 0.69 11.17
CA SER A 178 -23.69 0.43 10.06
C SER A 178 -23.18 0.42 8.63
N SER A 179 -21.98 0.88 8.42
CA SER A 179 -21.42 0.88 7.05
C SER A 179 -21.24 -0.54 6.54
N ASP A 180 -21.05 -1.49 7.46
CA ASP A 180 -20.84 -2.89 7.14
C ASP A 180 -21.48 -3.68 8.27
N PRO A 181 -22.83 -3.76 8.28
CA PRO A 181 -23.59 -4.37 9.37
C PRO A 181 -23.13 -5.79 9.66
N GLY A 182 -22.70 -6.05 10.89
CA GLY A 182 -22.23 -7.38 11.27
C GLY A 182 -20.83 -7.31 11.86
N THR A 183 -20.16 -6.20 11.60
CA THR A 183 -18.82 -5.97 12.07
C THR A 183 -18.80 -4.53 12.55
N VAL A 184 -18.17 -4.28 13.69
CA VAL A 184 -18.14 -2.94 14.25
C VAL A 184 -16.69 -2.46 14.24
N TYR A 185 -16.46 -1.33 13.59
CA TYR A 185 -15.08 -0.91 13.30
C TYR A 185 -14.47 -0.09 14.43
N ALA A 186 -13.20 -0.38 14.74
CA ALA A 186 -12.47 0.32 15.80
C ALA A 186 -11.48 1.34 15.24
N ASP A 187 -11.15 2.33 16.06
CA ASP A 187 -10.00 3.19 15.79
C ASP A 187 -8.86 2.65 16.64
N GLY A 188 -7.63 2.68 16.12
CA GLY A 188 -6.48 2.25 16.91
C GLY A 188 -5.29 1.92 16.03
N GLY A 189 -4.15 1.66 16.66
CA GLY A 189 -2.96 1.25 15.94
C GLY A 189 -2.43 -0.08 16.47
N THR A 190 -1.73 -0.82 15.61
CA THR A 190 -1.08 -2.05 16.02
C THR A 190 0.29 -2.06 15.39
N ALA A 191 1.19 -2.90 15.90
CA ALA A 191 2.51 -3.01 15.32
C ALA A 191 3.13 -4.37 15.61
N LEU A 192 3.93 -4.87 14.67
CA LEU A 192 4.66 -6.12 14.85
C LEU A 192 6.06 -5.96 14.30
N VAL A 193 7.03 -6.50 15.03
CA VAL A 193 8.44 -6.50 14.60
C VAL A 193 8.81 -7.93 14.23
N LEU A 194 9.11 -8.13 12.95
CA LEU A 194 9.48 -9.44 12.41
C LEU A 194 10.99 -9.50 12.36
N SER A 195 11.59 -10.64 12.70
CA SER A 195 13.06 -10.74 12.68
C SER A 195 13.59 -12.07 12.15
N ARG A 196 14.69 -12.02 11.39
CA ARG A 196 15.38 -13.25 10.99
C ARG A 196 16.34 -13.71 12.08
N GLN A 197 16.65 -12.81 13.00
CA GLN A 197 17.69 -13.04 14.01
C GLN A 197 17.21 -13.88 15.18
N GLY A 198 16.07 -13.50 15.75
CA GLY A 198 15.51 -14.20 16.90
C GLY A 198 14.31 -13.45 17.42
N GLY A 199 13.64 -14.02 18.41
CA GLY A 199 12.44 -13.43 18.97
C GLY A 199 11.76 -14.41 19.91
N PHE A 200 10.67 -14.01 20.55
CA PHE A 200 10.02 -14.86 21.53
C PHE A 200 9.05 -15.87 20.91
N ALA A 201 8.80 -15.73 19.61
CA ALA A 201 7.92 -16.66 18.91
C ALA A 201 8.43 -16.93 17.50
N ARG A 202 8.11 -18.10 16.95
CA ARG A 202 8.56 -18.42 15.60
C ARG A 202 7.40 -18.46 14.61
N LEU A 203 7.60 -17.85 13.45
CA LEU A 203 6.62 -17.93 12.36
C LEU A 203 6.80 -19.27 11.67
N ARG A 204 5.88 -20.20 11.93
CA ARG A 204 5.99 -21.54 11.37
C ARG A 204 5.39 -21.63 9.97
N SER A 205 4.37 -20.83 9.69
CA SER A 205 3.74 -20.82 8.38
C SER A 205 2.97 -19.53 8.19
N LEU A 206 2.84 -19.12 6.94
CA LEU A 206 2.03 -17.96 6.57
C LEU A 206 1.61 -18.21 5.14
N VAL A 207 0.29 -18.24 4.90
CA VAL A 207 -0.24 -18.57 3.58
C VAL A 207 -1.32 -17.55 3.20
N THR A 208 -1.27 -17.05 1.97
CA THR A 208 -2.24 -16.07 1.50
C THR A 208 -2.96 -16.58 0.25
N VAL A 209 -4.27 -16.38 0.22
CA VAL A 209 -5.11 -16.91 -0.83
C VAL A 209 -5.83 -15.73 -1.45
N SER A 210 -6.01 -15.77 -2.78
CA SER A 210 -6.66 -14.66 -3.49
C SER A 210 -7.83 -15.18 -4.35
N GLU A 211 -8.99 -14.52 -4.23
CA GLU A 211 -10.16 -14.79 -5.05
C GLU A 211 -10.73 -13.50 -5.60
N PRO A 212 -10.12 -12.99 -6.68
CA PRO A 212 -10.44 -11.65 -7.18
C PRO A 212 -11.82 -11.54 -7.86
N VAL A 213 -12.47 -12.68 -8.12
CA VAL A 213 -13.82 -12.67 -8.70
C VAL A 213 -14.81 -11.96 -7.77
N LEU A 214 -14.43 -11.88 -6.49
CA LEU A 214 -15.27 -11.28 -5.48
C LEU A 214 -15.06 -9.77 -5.31
N GLU A 215 -14.11 -9.19 -6.03
CA GLU A 215 -13.77 -7.76 -5.83
C GLU A 215 -14.96 -6.82 -5.94
N GLY A 216 -15.89 -7.14 -6.86
CA GLY A 216 -17.04 -6.29 -7.08
C GLY A 216 -17.99 -6.16 -5.90
N MET A 217 -17.89 -7.08 -4.93
CA MET A 217 -18.80 -7.07 -3.78
C MET A 217 -18.67 -5.80 -2.96
N HIS A 218 -17.53 -5.12 -3.08
CA HIS A 218 -17.30 -3.98 -2.21
C HIS A 218 -17.25 -2.63 -2.95
N ARG A 219 -17.81 -2.58 -4.15
CA ARG A 219 -17.80 -1.34 -4.94
C ARG A 219 -19.08 -1.21 -5.74
N GLY A 220 -19.37 0.02 -6.18
CA GLY A 220 -20.45 0.25 -7.12
C GLY A 220 -20.02 -0.14 -8.53
N GLY A 221 -20.98 -0.25 -9.44
CA GLY A 221 -20.67 -0.67 -10.80
C GLY A 221 -21.01 -2.13 -10.97
N HIS A 222 -20.93 -2.62 -12.21
CA HIS A 222 -21.20 -4.03 -12.46
C HIS A 222 -20.07 -4.90 -11.92
N PRO A 223 -20.40 -6.01 -11.24
CA PRO A 223 -19.41 -6.91 -10.63
C PRO A 223 -18.37 -7.40 -11.61
N PHE A 224 -18.73 -7.48 -12.88
CA PHE A 224 -17.82 -7.98 -13.87
C PHE A 224 -17.64 -6.97 -14.98
N GLY A 225 -17.93 -5.71 -14.64
CA GLY A 225 -17.60 -4.57 -15.49
C GLY A 225 -16.66 -3.65 -14.73
N PRO A 226 -16.46 -2.43 -15.25
CA PRO A 226 -15.56 -1.46 -14.62
C PRO A 226 -16.22 -0.81 -13.41
N PRO A 227 -15.42 -0.34 -12.43
CA PRO A 227 -16.04 0.33 -11.28
C PRO A 227 -16.83 1.57 -11.72
N SER A 228 -17.93 1.85 -11.03
CA SER A 228 -18.68 3.07 -11.28
C SER A 228 -17.83 4.26 -10.89
N PRO A 229 -17.90 5.36 -11.67
CA PRO A 229 -17.10 6.55 -11.37
C PRO A 229 -17.83 7.45 -10.38
N GLU A 230 -19.03 7.04 -10.00
CA GLU A 230 -19.83 7.78 -9.04
C GLU A 230 -19.44 7.38 -7.63
N GLU A 231 -18.82 8.31 -6.92
CA GLU A 231 -18.37 8.06 -5.56
C GLU A 231 -19.54 8.04 -4.58
N GLN A 232 -19.48 7.12 -3.63
CA GLN A 232 -20.51 6.94 -2.60
C GLN A 232 -20.03 7.68 -1.33
N ARG A 233 -20.52 8.91 -1.14
CA ARG A 233 -20.06 9.79 -0.05
C ARG A 233 -20.12 9.14 1.35
N ALA A 234 -21.19 8.40 1.62
CA ALA A 234 -21.30 7.67 2.88
C ALA A 234 -21.15 6.20 2.56
N VAL A 235 -20.15 5.57 3.14
CA VAL A 235 -19.85 4.17 2.84
C VAL A 235 -21.01 3.26 3.26
N ASP A 236 -21.58 2.54 2.31
CA ASP A 236 -22.61 1.55 2.61
C ASP A 236 -22.27 0.24 1.90
N LEU A 237 -21.52 -0.61 2.58
CA LEU A 237 -21.04 -1.85 1.96
C LEU A 237 -22.18 -2.86 1.79
N ASP A 238 -23.24 -2.70 2.56
CA ASP A 238 -24.38 -3.58 2.45
C ASP A 238 -25.09 -3.42 1.10
N ALA A 239 -25.17 -2.18 0.62
CA ALA A 239 -25.78 -1.92 -0.68
C ALA A 239 -24.97 -2.56 -1.80
N HIS A 240 -23.65 -2.38 -1.74
CA HIS A 240 -22.74 -2.97 -2.71
C HIS A 240 -22.81 -4.50 -2.67
N LYS A 241 -22.89 -5.07 -1.47
CA LYS A 241 -22.99 -6.53 -1.33
C LYS A 241 -24.27 -7.05 -1.97
N ARG A 242 -25.39 -6.38 -1.71
CA ARG A 242 -26.67 -6.85 -2.24
C ARG A 242 -26.69 -6.80 -3.77
N ALA A 243 -26.16 -5.72 -4.35
CA ALA A 243 -26.03 -5.63 -5.80
C ALA A 243 -25.14 -6.73 -6.37
N TYR A 244 -24.04 -7.05 -5.69
CA TYR A 244 -23.14 -8.08 -6.19
C TYR A 244 -23.82 -9.44 -6.17
N VAL A 245 -24.50 -9.74 -5.07
CA VAL A 245 -25.11 -11.04 -4.87
C VAL A 245 -26.26 -11.25 -5.86
N ALA A 246 -27.01 -10.18 -6.13
CA ALA A 246 -28.11 -10.25 -7.09
C ALA A 246 -27.58 -10.62 -8.47
N GLU A 247 -26.35 -10.23 -8.76
CA GLU A 247 -25.76 -10.47 -10.07
C GLU A 247 -24.96 -11.77 -10.12
N ALA A 248 -24.09 -11.98 -9.15
CA ALA A 248 -23.22 -13.15 -9.15
C ALA A 248 -23.92 -14.39 -8.59
N GLY A 249 -24.96 -14.18 -7.81
CA GLY A 249 -25.63 -15.28 -7.14
C GLY A 249 -25.22 -15.47 -5.69
N SER A 250 -26.21 -15.74 -4.84
CA SER A 250 -25.96 -15.93 -3.41
C SER A 250 -25.13 -17.18 -3.15
N SER A 251 -25.58 -18.30 -3.70
CA SER A 251 -24.90 -19.59 -3.60
C SER A 251 -23.43 -19.50 -4.05
N PHE A 252 -23.20 -18.88 -5.20
CA PHE A 252 -21.84 -18.71 -5.71
C PHE A 252 -20.98 -17.90 -4.75
N SER A 253 -21.54 -16.80 -4.23
CA SER A 253 -20.77 -15.91 -3.36
C SER A 253 -20.37 -16.57 -2.04
N VAL A 254 -21.33 -17.19 -1.38
CA VAL A 254 -21.07 -17.85 -0.11
C VAL A 254 -20.02 -18.95 -0.27
N ALA A 255 -20.20 -19.77 -1.30
CA ALA A 255 -19.31 -20.91 -1.56
C ALA A 255 -17.87 -20.47 -1.86
N ARG A 256 -17.72 -19.45 -2.71
CA ARG A 256 -16.39 -18.97 -3.07
C ARG A 256 -15.68 -18.39 -1.85
N VAL A 257 -16.43 -17.73 -0.98
CA VAL A 257 -15.83 -17.18 0.24
C VAL A 257 -15.44 -18.32 1.19
N SER A 258 -16.33 -19.25 1.34
CA SER A 258 -16.07 -20.39 2.16
C SER A 258 -14.83 -21.15 1.73
N ALA A 259 -14.68 -21.34 0.45
CA ALA A 259 -13.59 -22.09 -0.14
C ALA A 259 -12.27 -21.36 0.08
N GLY A 260 -12.27 -20.04 -0.11
CA GLY A 260 -11.08 -19.25 0.10
C GLY A 260 -10.60 -19.38 1.54
N GLN A 261 -11.54 -19.29 2.48
CA GLN A 261 -11.20 -19.41 3.90
C GLN A 261 -10.67 -20.79 4.20
N GLU A 262 -11.24 -21.81 3.56
CA GLU A 262 -10.79 -23.18 3.80
C GLU A 262 -9.37 -23.37 3.25
N GLU A 263 -9.08 -22.79 2.09
CA GLU A 263 -7.74 -22.93 1.51
C GLU A 263 -6.66 -22.32 2.40
N ALA A 264 -6.93 -21.12 2.92
CA ALA A 264 -5.96 -20.44 3.77
C ALA A 264 -5.71 -21.23 5.07
N LEU A 265 -6.78 -21.73 5.68
CA LEU A 265 -6.67 -22.50 6.93
C LEU A 265 -5.82 -23.75 6.72
N THR A 266 -6.25 -24.56 5.77
CA THR A 266 -5.62 -25.85 5.57
C THR A 266 -4.19 -25.68 5.08
N GLY A 267 -3.97 -24.68 4.21
CA GLY A 267 -2.63 -24.39 3.71
C GLY A 267 -1.67 -24.03 4.84
N ALA A 268 -2.10 -23.16 5.75
CA ALA A 268 -1.23 -22.74 6.84
C ALA A 268 -0.98 -23.86 7.84
N LEU A 269 -2.00 -24.64 8.15
CA LEU A 269 -1.82 -25.80 9.04
C LEU A 269 -0.86 -26.81 8.43
N GLU A 270 -1.11 -27.19 7.18
CA GLU A 270 -0.25 -28.16 6.51
C GLU A 270 1.18 -27.66 6.43
N ALA A 271 1.37 -26.38 6.11
CA ALA A 271 2.72 -25.83 5.95
C ALA A 271 3.50 -25.87 7.26
N ALA A 272 2.78 -25.88 8.38
CA ALA A 272 3.40 -25.94 9.69
C ALA A 272 3.49 -27.36 10.24
N GLY A 273 2.97 -28.32 9.49
CA GLY A 273 2.98 -29.70 9.94
C GLY A 273 2.00 -29.94 11.07
N ALA A 274 0.90 -29.20 11.08
CA ALA A 274 -0.03 -29.20 12.19
C ALA A 274 -1.47 -29.43 11.76
N GLY A 275 -2.30 -29.87 12.69
CA GLY A 275 -3.74 -29.95 12.48
C GLY A 275 -4.40 -29.00 13.44
N LEU A 276 -5.69 -28.74 13.23
CA LEU A 276 -6.41 -27.80 14.06
C LEU A 276 -6.37 -28.21 15.53
N ASP A 277 -6.34 -29.52 15.80
CA ASP A 277 -6.26 -30.02 17.18
C ASP A 277 -4.94 -29.69 17.86
N ASP A 278 -3.92 -29.36 17.08
CA ASP A 278 -2.61 -29.00 17.64
C ASP A 278 -2.57 -27.52 18.01
N ILE A 279 -3.59 -26.77 17.60
CA ILE A 279 -3.62 -25.33 17.87
C ILE A 279 -4.24 -25.06 19.25
N SER A 280 -3.51 -24.35 20.11
CA SER A 280 -4.01 -24.01 21.45
C SER A 280 -4.93 -22.78 21.48
N ARG A 281 -4.61 -21.77 20.68
CA ARG A 281 -5.40 -20.54 20.63
C ARG A 281 -5.59 -20.07 19.19
N VAL A 282 -6.79 -19.63 18.85
CA VAL A 282 -7.03 -19.09 17.50
C VAL A 282 -7.28 -17.59 17.55
N VAL A 283 -6.47 -16.83 16.82
CA VAL A 283 -6.74 -15.40 16.71
C VAL A 283 -7.67 -15.15 15.53
N LEU A 284 -8.92 -14.77 15.83
CA LEU A 284 -9.93 -14.54 14.81
C LEU A 284 -10.08 -13.05 14.53
N PRO A 285 -10.66 -12.71 13.37
CA PRO A 285 -11.01 -11.31 13.15
C PRO A 285 -12.02 -10.86 14.20
N HIS A 286 -12.03 -9.57 14.51
CA HIS A 286 -13.00 -9.03 15.48
C HIS A 286 -14.28 -8.68 14.76
N MET A 287 -14.93 -9.67 14.17
CA MET A 287 -16.25 -9.46 13.58
C MET A 287 -17.31 -9.71 14.65
N GLY A 288 -18.56 -9.40 14.34
CA GLY A 288 -19.65 -9.68 15.28
C GLY A 288 -19.91 -11.17 15.42
N TRP A 289 -20.65 -11.55 16.46
CA TRP A 289 -20.91 -12.95 16.78
C TRP A 289 -21.51 -13.77 15.65
N ARG A 290 -22.47 -13.17 14.94
CA ARG A 290 -23.18 -13.89 13.89
C ARG A 290 -22.22 -14.28 12.76
N ARG A 291 -21.37 -13.34 12.36
CA ARG A 291 -20.38 -13.62 11.31
C ARG A 291 -19.36 -14.67 11.76
N LEU A 292 -18.84 -14.52 12.97
CA LEU A 292 -17.84 -15.45 13.50
C LEU A 292 -18.40 -16.86 13.62
N SER A 293 -19.65 -16.95 14.05
CA SER A 293 -20.32 -18.24 14.20
C SER A 293 -20.47 -18.92 12.85
N ALA A 294 -20.90 -18.16 11.84
CA ALA A 294 -21.09 -18.71 10.51
C ALA A 294 -19.76 -19.12 9.89
N ALA A 295 -18.75 -18.25 9.98
CA ALA A 295 -17.48 -18.51 9.31
C ALA A 295 -16.57 -19.48 10.07
N TYR A 296 -16.67 -19.52 11.40
CA TYR A 296 -15.68 -20.25 12.20
C TYR A 296 -16.25 -21.24 13.24
N PHE A 297 -17.05 -20.74 14.18
CA PHE A 297 -17.53 -21.59 15.28
C PHE A 297 -18.34 -22.80 14.80
N ASN A 298 -19.33 -22.57 13.96
CA ASN A 298 -20.20 -23.64 13.46
C ASN A 298 -19.65 -24.36 12.25
N LYS A 299 -18.49 -23.91 11.77
CA LYS A 299 -17.86 -24.49 10.58
C LYS A 299 -16.67 -25.34 10.97
N TRP A 300 -15.83 -24.80 11.86
CA TRP A 300 -14.61 -25.48 12.30
C TRP A 300 -14.85 -26.25 13.61
N HIS A 301 -16.01 -26.03 14.22
CA HIS A 301 -16.37 -26.65 15.49
C HIS A 301 -15.33 -26.39 16.57
N ILE A 302 -14.78 -25.17 16.54
CA ILE A 302 -13.83 -24.72 17.55
C ILE A 302 -14.56 -23.90 18.60
N GLN A 303 -13.99 -23.83 19.78
CA GLN A 303 -14.57 -23.20 20.94
C GLN A 303 -14.29 -21.71 20.96
N PRO A 304 -15.29 -20.86 21.16
CA PRO A 304 -15.04 -19.44 21.37
C PRO A 304 -13.99 -19.18 22.46
N GLU A 305 -13.99 -20.01 23.51
CA GLU A 305 -13.04 -19.85 24.62
C GLU A 305 -11.60 -20.11 24.20
N ARG A 306 -11.42 -20.79 23.08
CA ARG A 306 -10.09 -21.02 22.51
C ARG A 306 -9.67 -19.90 21.56
N THR A 307 -10.48 -18.84 21.46
CA THR A 307 -10.18 -17.76 20.52
C THR A 307 -10.06 -16.41 21.20
N THR A 308 -9.82 -15.38 20.41
CA THR A 308 -9.74 -14.04 20.96
C THR A 308 -11.12 -13.37 20.98
N TRP A 309 -12.20 -14.16 20.94
CA TRP A 309 -13.56 -13.59 20.91
C TRP A 309 -13.79 -12.52 21.98
N GLU A 310 -13.45 -12.84 23.23
CA GLU A 310 -13.73 -11.91 24.33
C GLU A 310 -12.96 -10.58 24.23
N PHE A 311 -11.68 -10.67 23.83
CA PHE A 311 -10.89 -9.47 23.60
C PHE A 311 -11.44 -8.67 22.41
N GLY A 312 -11.74 -9.36 21.32
CA GLY A 312 -12.23 -8.69 20.12
C GLY A 312 -13.55 -7.94 20.32
N ARG A 313 -14.44 -8.54 21.09
CA ARG A 313 -15.79 -7.99 21.27
C ARG A 313 -15.78 -6.73 22.13
N ARG A 314 -14.64 -6.46 22.77
CA ARG A 314 -14.44 -5.26 23.57
C ARG A 314 -13.57 -4.24 22.83
N THR A 315 -12.96 -4.68 21.74
CA THR A 315 -12.00 -3.85 21.00
C THR A 315 -12.61 -3.32 19.70
N GLY A 316 -13.22 -4.23 18.94
CA GLY A 316 -13.75 -3.84 17.64
C GLY A 316 -12.73 -4.20 16.57
N HIS A 317 -13.16 -4.09 15.33
CA HIS A 317 -12.36 -4.50 14.19
C HIS A 317 -11.31 -3.44 13.88
N LEU A 318 -10.05 -3.84 13.88
CA LEU A 318 -8.94 -2.92 13.61
C LEU A 318 -8.42 -3.11 12.19
N GLY A 319 -9.27 -3.58 11.29
CA GLY A 319 -8.88 -3.86 9.91
C GLY A 319 -7.81 -4.92 9.83
N GLY A 320 -6.73 -4.60 9.13
CA GLY A 320 -5.63 -5.53 9.00
C GLY A 320 -4.96 -5.78 10.33
N GLY A 321 -5.24 -4.91 11.31
CA GLY A 321 -4.60 -4.98 12.62
C GLY A 321 -5.07 -6.09 13.54
N ASP A 322 -6.25 -6.66 13.30
CA ASP A 322 -6.77 -7.69 14.24
C ASP A 322 -5.81 -8.81 14.62
N PRO A 323 -5.14 -9.46 13.63
CA PRO A 323 -4.28 -10.57 14.04
C PRO A 323 -3.13 -10.13 14.93
N ILE A 324 -2.67 -8.90 14.74
CA ILE A 324 -1.57 -8.39 15.55
C ILE A 324 -2.08 -8.10 16.96
N ALA A 325 -3.18 -7.37 17.05
CA ALA A 325 -3.77 -7.04 18.35
C ALA A 325 -4.19 -8.29 19.13
N GLY A 326 -4.74 -9.27 18.43
CA GLY A 326 -5.18 -10.51 19.07
C GLY A 326 -3.99 -11.31 19.58
N PHE A 327 -2.94 -11.42 18.78
CA PHE A 327 -1.74 -12.14 19.20
C PHE A 327 -1.10 -11.43 20.39
N ASP A 328 -0.99 -10.11 20.29
CA ASP A 328 -0.46 -9.28 21.36
C ASP A 328 -1.25 -9.52 22.65
N HIS A 329 -2.58 -9.54 22.54
CA HIS A 329 -3.41 -9.82 23.71
C HIS A 329 -3.09 -11.18 24.33
N LEU A 330 -3.04 -12.22 23.51
CA LEU A 330 -2.80 -13.57 24.02
C LEU A 330 -1.46 -13.69 24.73
N VAL A 331 -0.42 -13.13 24.11
CA VAL A 331 0.91 -13.21 24.68
C VAL A 331 1.01 -12.38 25.96
N GLY A 332 0.49 -11.16 25.91
CA GLY A 332 0.61 -10.24 27.03
C GLY A 332 -0.18 -10.66 28.26
N SER A 333 -1.28 -11.38 28.04
CA SER A 333 -2.11 -11.84 29.14
C SER A 333 -1.67 -13.22 29.61
N GLY A 334 -0.61 -13.76 29.00
CA GLY A 334 -0.02 -15.02 29.41
C GLY A 334 -0.84 -16.25 29.02
N ARG A 335 -1.85 -16.05 28.18
CA ARG A 335 -2.74 -17.15 27.78
C ARG A 335 -2.11 -18.16 26.84
N LEU A 336 -0.98 -17.80 26.25
CA LEU A 336 -0.27 -18.73 25.38
C LEU A 336 0.98 -19.18 26.15
N ALA A 337 1.23 -20.49 26.17
CA ALA A 337 2.37 -21.05 26.88
C ALA A 337 3.47 -21.49 25.91
N PRO A 338 4.74 -21.47 26.37
CA PRO A 338 5.86 -21.89 25.52
C PRO A 338 5.64 -23.27 24.91
N GLY A 339 5.96 -23.43 23.63
CA GLY A 339 5.75 -24.68 22.94
C GLY A 339 4.40 -24.74 22.25
N GLU A 340 3.45 -23.94 22.73
CA GLU A 340 2.10 -23.94 22.16
C GLU A 340 2.02 -23.19 20.85
N LEU A 341 1.08 -23.63 20.00
CA LEU A 341 0.88 -23.06 18.68
C LEU A 341 -0.35 -22.15 18.63
N CYS A 342 -0.23 -21.06 17.87
CA CYS A 342 -1.29 -20.08 17.75
C CYS A 342 -1.64 -19.96 16.27
N LEU A 343 -2.93 -19.93 15.94
CA LEU A 343 -3.34 -19.72 14.55
C LEU A 343 -3.89 -18.31 14.36
N LEU A 344 -3.31 -17.56 13.43
CA LEU A 344 -3.80 -16.23 13.11
C LEU A 344 -4.71 -16.36 11.89
N VAL A 345 -5.87 -15.68 11.92
CA VAL A 345 -6.85 -15.77 10.86
C VAL A 345 -7.27 -14.36 10.44
N SER A 346 -7.17 -14.08 9.14
CA SER A 346 -7.44 -12.74 8.65
C SER A 346 -8.11 -12.83 7.27
N VAL A 347 -9.05 -11.92 7.00
CA VAL A 347 -9.72 -11.90 5.71
C VAL A 347 -9.92 -10.47 5.28
N GLY A 348 -9.82 -10.21 3.98
CA GLY A 348 -10.09 -8.87 3.49
C GLY A 348 -10.95 -8.91 2.25
N ALA A 349 -11.72 -7.85 2.04
CA ALA A 349 -12.48 -7.69 0.81
C ALA A 349 -11.50 -7.84 -0.35
N GLY A 350 -11.98 -8.29 -1.50
CA GLY A 350 -11.07 -8.62 -2.58
C GLY A 350 -11.46 -9.85 -3.37
N PHE A 351 -11.53 -11.02 -2.74
CA PHE A 351 -11.15 -11.27 -1.34
C PHE A 351 -9.71 -11.77 -1.26
N SER A 352 -9.08 -11.57 -0.10
CA SER A 352 -7.82 -12.21 0.21
C SER A 352 -7.96 -12.83 1.60
N TRP A 353 -7.37 -13.99 1.82
CA TRP A 353 -7.32 -14.59 3.17
C TRP A 353 -5.89 -14.90 3.51
N SER A 354 -5.52 -14.73 4.78
CA SER A 354 -4.23 -15.20 5.26
C SER A 354 -4.35 -15.94 6.59
N CYS A 355 -3.68 -17.08 6.68
CA CYS A 355 -3.52 -17.73 7.96
C CYS A 355 -2.04 -17.93 8.24
N ALA A 356 -1.70 -17.97 9.53
CA ALA A 356 -0.32 -18.13 9.96
C ALA A 356 -0.32 -18.96 11.22
N VAL A 357 0.67 -19.83 11.34
CA VAL A 357 0.84 -20.60 12.56
C VAL A 357 2.06 -20.03 13.26
N VAL A 358 1.89 -19.60 14.50
CA VAL A 358 3.00 -19.02 15.26
C VAL A 358 3.25 -19.89 16.47
N GLU A 359 4.51 -20.23 16.72
CA GLU A 359 4.87 -21.06 17.88
C GLU A 359 5.46 -20.16 18.96
N LEU A 360 4.89 -20.20 20.17
CA LEU A 360 5.46 -19.41 21.26
C LEU A 360 6.69 -20.10 21.82
N LEU A 361 7.82 -19.40 21.80
CA LEU A 361 9.08 -19.99 22.25
C LEU A 361 9.37 -19.70 23.72
N GLU A 362 9.07 -18.46 24.15
CA GLU A 362 9.26 -18.05 25.54
C GLU A 362 8.28 -16.95 25.92
N ARG A 363 7.89 -16.87 27.19
CA ARG A 363 7.09 -15.75 27.64
C ARG A 363 7.99 -14.53 27.68
N PRO A 364 7.62 -13.48 26.94
CA PRO A 364 8.44 -12.27 26.92
C PRO A 364 8.28 -11.54 28.24
N SER A 365 9.30 -10.76 28.63
CA SER A 365 9.32 -10.12 29.95
C SER A 365 8.14 -9.19 30.20
N TRP A 366 7.58 -8.61 29.13
CA TRP A 366 6.46 -7.68 29.28
C TRP A 366 5.13 -8.37 29.50
N ALA A 367 5.11 -9.71 29.43
CA ALA A 367 3.87 -10.46 29.62
C ALA A 367 3.54 -10.69 31.11
N ALA A 368 2.27 -10.98 31.39
CA ALA A 368 1.85 -11.36 32.73
C ALA A 368 1.91 -12.87 32.91
N ALA A 369 1.74 -13.34 34.15
CA ALA A 369 1.70 -14.78 34.42
C ALA A 369 0.41 -15.41 33.92
N ASP B 30 20.46 -10.95 -12.30
CA ASP B 30 19.58 -9.83 -12.02
C ASP B 30 18.16 -10.12 -12.48
N LEU B 31 17.38 -9.06 -12.55
CA LEU B 31 16.00 -9.13 -12.99
C LEU B 31 15.87 -8.41 -14.32
N TYR B 32 14.76 -8.66 -15.01
CA TYR B 32 14.52 -8.10 -16.32
C TYR B 32 13.20 -7.37 -16.36
N VAL B 33 13.09 -6.37 -17.23
CA VAL B 33 11.81 -5.82 -17.62
C VAL B 33 11.33 -6.64 -18.81
N ALA B 34 10.26 -7.41 -18.61
CA ALA B 34 9.72 -8.27 -19.68
C ALA B 34 8.67 -7.54 -20.49
N GLY B 35 7.96 -6.60 -19.86
CA GLY B 35 6.91 -5.87 -20.54
C GLY B 35 6.60 -4.58 -19.81
N CYS B 36 5.99 -3.64 -20.53
CA CYS B 36 5.51 -2.41 -19.93
C CYS B 36 4.44 -1.84 -20.82
N GLY B 37 3.63 -0.94 -20.26
CA GLY B 37 2.61 -0.29 -21.04
C GLY B 37 1.93 0.82 -20.27
N VAL B 38 1.20 1.67 -20.98
CA VAL B 38 0.45 2.75 -20.36
C VAL B 38 -0.96 2.76 -20.93
N TRP B 39 -1.89 3.38 -20.22
CA TRP B 39 -3.16 3.75 -20.81
C TRP B 39 -3.43 5.19 -20.42
N LEU B 40 -3.41 6.07 -21.41
CA LEU B 40 -3.55 7.49 -21.15
C LEU B 40 -4.77 8.00 -21.88
N PRO B 41 -5.72 8.61 -21.13
CA PRO B 41 -6.91 9.22 -21.72
C PRO B 41 -6.50 10.44 -22.53
N PRO B 42 -7.40 10.96 -23.39
CA PRO B 42 -7.09 12.10 -24.27
C PRO B 42 -6.53 13.32 -23.53
N PRO B 43 -5.57 14.01 -24.14
CA PRO B 43 -4.94 15.18 -23.53
C PRO B 43 -5.81 16.43 -23.56
N VAL B 44 -5.63 17.29 -22.56
CA VAL B 44 -6.21 18.62 -22.56
C VAL B 44 -5.01 19.54 -22.63
N THR B 45 -5.01 20.49 -23.56
CA THR B 45 -3.82 21.33 -23.74
C THR B 45 -3.83 22.46 -22.73
N THR B 46 -2.66 23.03 -22.48
CA THR B 46 -2.53 24.19 -21.60
C THR B 46 -3.39 25.35 -22.11
N GLU B 47 -3.46 25.50 -23.43
CA GLU B 47 -4.30 26.53 -24.03
C GLU B 47 -5.77 26.33 -23.67
N GLN B 48 -6.25 25.10 -23.74
CA GLN B 48 -7.64 24.81 -23.37
C GLN B 48 -7.87 25.04 -21.88
N ALA B 49 -6.86 24.72 -21.08
CA ALA B 49 -6.97 24.86 -19.64
C ALA B 49 -7.05 26.33 -19.26
N LEU B 50 -6.23 27.16 -19.91
CA LEU B 50 -6.25 28.59 -19.69
C LEU B 50 -7.62 29.18 -20.04
N ALA B 51 -8.14 28.79 -21.20
CA ALA B 51 -9.43 29.29 -21.67
C ALA B 51 -10.57 28.86 -20.74
N ALA B 52 -10.46 27.66 -20.19
CA ALA B 52 -11.47 27.14 -19.27
C ALA B 52 -11.30 27.73 -17.86
N GLY B 53 -10.21 28.46 -17.64
CA GLY B 53 -9.96 29.07 -16.36
C GLY B 53 -9.36 28.17 -15.29
N HIS B 54 -8.92 26.98 -15.69
CA HIS B 54 -8.41 26.02 -14.72
C HIS B 54 -7.01 26.39 -14.26
N CYS B 55 -6.46 27.40 -14.91
CA CYS B 55 -5.04 27.57 -14.95
C CYS B 55 -4.75 29.05 -15.24
N ASP B 56 -3.78 29.65 -14.55
CA ASP B 56 -3.39 31.03 -14.90
C ASP B 56 -2.12 31.09 -15.75
N ARG B 57 -1.91 32.21 -16.45
CA ARG B 57 -0.78 32.36 -17.35
C ARG B 57 0.57 32.16 -16.63
N ARG B 58 0.69 32.74 -15.44
CA ARG B 58 1.95 32.66 -14.71
C ARG B 58 2.37 31.21 -14.45
N LEU B 59 1.39 30.36 -14.16
CA LEU B 59 1.66 28.94 -13.90
C LEU B 59 1.95 28.18 -15.18
N ALA B 60 1.21 28.49 -16.24
CA ALA B 60 1.47 27.89 -17.54
C ALA B 60 2.91 28.19 -17.96
N SER B 61 3.35 29.40 -17.70
CA SER B 61 4.65 29.86 -18.08
C SER B 61 5.75 29.29 -17.25
N SER B 62 5.56 29.23 -15.97
CA SER B 62 6.62 28.71 -15.11
C SER B 62 6.77 27.19 -15.21
N THR B 63 5.69 26.47 -15.46
CA THR B 63 5.77 25.01 -15.57
C THR B 63 6.17 24.59 -16.98
N ARG B 64 5.77 25.37 -17.96
CA ARG B 64 6.00 25.09 -19.36
C ARG B 64 5.30 23.87 -19.87
N MET B 65 4.22 23.50 -19.22
CA MET B 65 3.47 22.31 -19.62
C MET B 65 2.72 22.57 -20.92
N LEU B 66 2.65 21.57 -21.79
CA LEU B 66 1.89 21.72 -23.03
C LEU B 66 0.50 21.07 -22.97
N SER B 67 0.40 19.97 -22.22
CA SER B 67 -0.87 19.23 -22.12
C SER B 67 -0.80 18.16 -21.05
N VAL B 68 -1.96 17.62 -20.67
CA VAL B 68 -2.04 16.63 -19.61
C VAL B 68 -3.14 15.63 -19.94
N ALA B 69 -2.90 14.34 -19.72
CA ALA B 69 -3.94 13.35 -19.94
C ALA B 69 -5.09 13.52 -18.92
N VAL B 70 -6.32 13.57 -19.41
CA VAL B 70 -7.49 13.76 -18.54
C VAL B 70 -8.55 12.71 -18.85
N ALA B 71 -8.99 11.98 -17.82
CA ALA B 71 -10.00 10.94 -17.99
C ALA B 71 -11.41 11.54 -17.98
N ASP B 72 -12.33 10.88 -18.66
CA ASP B 72 -13.74 11.23 -18.55
C ASP B 72 -14.42 10.42 -17.43
N LYS B 73 -14.64 9.13 -17.70
CA LYS B 73 -15.39 8.27 -16.78
C LYS B 73 -14.52 7.11 -16.28
N GLU B 74 -13.36 6.94 -16.89
CA GLU B 74 -12.44 5.87 -16.50
C GLU B 74 -11.93 6.09 -15.07
N THR B 75 -11.96 5.04 -14.26
CA THR B 75 -11.54 5.13 -12.88
C THR B 75 -10.10 4.63 -12.74
N PRO B 76 -9.45 4.90 -11.58
CA PRO B 76 -8.04 4.53 -11.43
C PRO B 76 -7.72 3.06 -11.73
N ALA B 77 -8.47 2.11 -11.21
CA ALA B 77 -8.14 0.70 -11.39
C ALA B 77 -8.45 0.25 -12.82
N GLU B 78 -9.44 0.88 -13.44
CA GLU B 78 -9.77 0.54 -14.81
C GLU B 78 -8.59 0.85 -15.72
N MET B 79 -7.99 2.01 -15.52
CA MET B 79 -6.88 2.46 -16.33
C MET B 79 -5.64 1.62 -16.07
N ALA B 80 -5.44 1.23 -14.82
CA ALA B 80 -4.32 0.36 -14.48
C ALA B 80 -4.44 -1.02 -15.12
N ALA B 81 -5.65 -1.60 -15.08
CA ALA B 81 -5.87 -2.92 -15.69
C ALA B 81 -5.66 -2.88 -17.19
N LEU B 82 -6.08 -1.79 -17.83
CA LEU B 82 -5.88 -1.60 -19.27
C LEU B 82 -4.40 -1.53 -19.61
N ALA B 83 -3.65 -0.74 -18.85
CA ALA B 83 -2.20 -0.70 -19.03
C ALA B 83 -1.60 -2.08 -18.77
N ALA B 84 -2.11 -2.76 -17.75
CA ALA B 84 -1.59 -4.08 -17.39
C ALA B 84 -1.82 -5.09 -18.49
N GLN B 85 -2.99 -5.03 -19.11
CA GLN B 85 -3.27 -5.92 -20.24
C GLN B 85 -2.26 -5.71 -21.34
N THR B 86 -1.96 -4.44 -21.65
CA THR B 86 -0.94 -4.12 -22.64
C THR B 86 0.44 -4.67 -22.24
N ALA B 87 0.89 -4.35 -21.03
CA ALA B 87 2.19 -4.84 -20.57
C ALA B 87 2.30 -6.37 -20.58
N LEU B 88 1.23 -7.05 -20.18
CA LEU B 88 1.27 -8.50 -20.12
C LEU B 88 1.33 -9.12 -21.51
N ASP B 89 0.51 -8.60 -22.43
CA ASP B 89 0.52 -9.08 -23.82
C ASP B 89 1.92 -8.99 -24.42
N ARG B 90 2.56 -7.83 -24.23
CA ARG B 90 3.90 -7.60 -24.76
C ARG B 90 4.93 -8.52 -24.12
N SER B 91 4.74 -8.80 -22.84
CA SER B 91 5.71 -9.60 -22.10
C SER B 91 5.65 -11.05 -22.57
N GLY B 92 4.47 -11.48 -23.03
CA GLY B 92 4.24 -12.87 -23.36
C GLY B 92 4.26 -13.81 -22.17
N VAL B 93 4.36 -13.27 -20.96
CA VAL B 93 4.39 -14.10 -19.75
C VAL B 93 3.02 -14.72 -19.51
N ALA B 94 2.98 -16.02 -19.19
CA ALA B 94 1.73 -16.67 -18.82
C ALA B 94 1.22 -16.20 -17.46
N PRO B 95 -0.10 -16.06 -17.32
CA PRO B 95 -0.75 -15.70 -16.05
C PRO B 95 -0.24 -16.52 -14.87
N ALA B 96 -0.04 -17.81 -15.06
CA ALA B 96 0.43 -18.67 -13.97
C ALA B 96 1.85 -18.32 -13.53
N HIS B 97 2.59 -17.57 -14.36
CA HIS B 97 3.96 -17.20 -13.98
C HIS B 97 4.02 -15.83 -13.30
N VAL B 98 2.85 -15.18 -13.18
CA VAL B 98 2.76 -13.91 -12.47
C VAL B 98 2.52 -14.23 -10.99
N ASP B 99 3.56 -14.03 -10.18
CA ASP B 99 3.58 -14.49 -8.79
C ASP B 99 3.18 -13.41 -7.79
N LEU B 100 3.01 -12.18 -8.26
CA LEU B 100 2.62 -11.08 -7.39
C LEU B 100 2.00 -9.96 -8.22
N VAL B 101 0.95 -9.34 -7.69
CA VAL B 101 0.36 -8.14 -8.29
C VAL B 101 0.38 -7.00 -7.26
N LEU B 102 1.01 -5.89 -7.64
CA LEU B 102 1.08 -4.72 -6.76
C LEU B 102 0.53 -3.53 -7.51
N HIS B 103 -0.44 -2.85 -6.92
CA HIS B 103 -1.02 -1.65 -7.55
C HIS B 103 -0.66 -0.42 -6.71
N ALA B 104 0.01 0.55 -7.33
CA ALA B 104 0.40 1.76 -6.62
C ALA B 104 -0.40 2.97 -7.07
N SER B 105 -0.59 3.93 -6.18
CA SER B 105 -1.44 5.07 -6.47
C SER B 105 -1.21 6.07 -5.36
N LEU B 106 -1.59 7.33 -5.58
CA LEU B 106 -1.43 8.33 -4.52
C LEU B 106 -2.74 9.01 -4.11
N TYR B 107 -3.82 8.70 -4.80
CA TYR B 107 -5.07 9.39 -4.51
C TYR B 107 -6.25 8.39 -4.49
N PHE B 108 -7.43 8.89 -4.12
CA PHE B 108 -8.61 8.04 -3.90
C PHE B 108 -8.90 7.12 -5.10
N GLN B 109 -9.08 5.83 -4.83
CA GLN B 109 -9.25 4.83 -5.88
C GLN B 109 -10.71 4.63 -6.30
N GLY B 110 -11.62 5.34 -5.65
CA GLY B 110 -12.98 5.44 -6.13
C GLY B 110 -14.01 4.79 -5.22
N HIS B 111 -13.57 3.80 -4.44
CA HIS B 111 -14.47 3.09 -3.54
C HIS B 111 -13.73 2.74 -2.26
N HIS B 112 -14.25 3.18 -1.11
CA HIS B 112 -13.62 2.90 0.18
C HIS B 112 -13.80 1.45 0.59
N LEU B 113 -12.81 0.90 1.27
CA LEU B 113 -12.83 -0.49 1.75
C LEU B 113 -13.07 -1.49 0.63
N TRP B 114 -12.42 -1.24 -0.51
CA TRP B 114 -12.53 -2.04 -1.72
C TRP B 114 -11.10 -2.34 -2.16
N ALA B 115 -10.89 -3.41 -2.92
CA ALA B 115 -9.55 -3.83 -3.29
C ALA B 115 -9.24 -3.56 -4.75
N PRO B 116 -8.74 -2.36 -5.07
CA PRO B 116 -8.43 -2.11 -6.49
C PRO B 116 -7.41 -3.10 -7.09
N SER B 117 -6.47 -3.63 -6.32
CA SER B 117 -5.50 -4.58 -6.89
C SER B 117 -6.19 -5.88 -7.30
N SER B 118 -7.26 -6.23 -6.59
CA SER B 118 -8.04 -7.42 -6.92
C SER B 118 -8.82 -7.20 -8.22
N TYR B 119 -9.24 -5.96 -8.46
CA TYR B 119 -9.82 -5.61 -9.76
C TYR B 119 -8.79 -5.78 -10.86
N VAL B 120 -7.60 -5.21 -10.67
CA VAL B 120 -6.53 -5.36 -11.67
C VAL B 120 -6.26 -6.84 -11.93
N GLN B 121 -6.15 -7.63 -10.87
CA GLN B 121 -5.94 -9.05 -11.02
C GLN B 121 -7.09 -9.74 -11.77
N ARG B 122 -8.34 -9.43 -11.39
CA ARG B 122 -9.50 -10.07 -12.03
C ARG B 122 -9.51 -9.84 -13.53
N VAL B 123 -9.27 -8.60 -13.91
CA VAL B 123 -9.48 -8.18 -15.30
C VAL B 123 -8.25 -8.43 -16.16
N ALA B 124 -7.06 -8.12 -15.63
CA ALA B 124 -5.86 -8.16 -16.44
C ALA B 124 -5.07 -9.44 -16.33
N VAL B 125 -5.13 -10.12 -15.19
CA VAL B 125 -4.27 -11.27 -15.00
C VAL B 125 -5.02 -12.60 -15.06
N GLY B 126 -6.15 -12.66 -14.36
CA GLY B 126 -6.96 -13.88 -14.33
C GLY B 126 -6.34 -15.00 -13.52
N ASN B 127 -5.47 -14.66 -12.57
CA ASN B 127 -4.85 -15.67 -11.73
C ASN B 127 -5.07 -15.41 -10.22
N ARG B 128 -4.45 -16.21 -9.37
CA ARG B 128 -4.77 -16.12 -7.93
C ARG B 128 -3.61 -15.96 -6.97
N CYS B 129 -2.55 -15.30 -7.45
CA CYS B 129 -1.40 -14.97 -6.60
C CYS B 129 -1.82 -13.83 -5.67
N PRO B 130 -0.96 -13.49 -4.69
CA PRO B 130 -1.34 -12.34 -3.85
C PRO B 130 -1.41 -11.05 -4.66
N ALA B 131 -2.41 -10.22 -4.36
CA ALA B 131 -2.61 -8.94 -5.03
C ALA B 131 -2.81 -7.88 -3.95
N MET B 132 -1.98 -6.84 -3.95
CA MET B 132 -2.17 -5.82 -2.95
C MET B 132 -1.71 -4.46 -3.42
N GLU B 133 -2.06 -3.43 -2.66
CA GLU B 133 -1.67 -2.06 -2.95
C GLU B 133 -0.36 -1.74 -2.25
N VAL B 134 0.45 -0.90 -2.89
CA VAL B 134 1.66 -0.35 -2.30
C VAL B 134 1.59 1.14 -2.57
N ARG B 135 1.83 1.96 -1.55
CA ARG B 135 1.80 3.39 -1.74
C ARG B 135 3.05 4.04 -1.16
N GLN B 136 3.55 5.04 -1.87
CA GLN B 136 4.67 5.83 -1.39
C GLN B 136 4.60 7.15 -2.11
N VAL B 137 3.39 7.71 -2.13
CA VAL B 137 3.05 8.90 -2.89
C VAL B 137 3.62 8.80 -4.32
N SER B 138 4.26 9.86 -4.82
CA SER B 138 4.77 9.84 -6.18
C SER B 138 5.93 8.86 -6.43
N ASN B 139 6.44 8.23 -5.37
CA ASN B 139 7.47 7.23 -5.56
C ASN B 139 6.90 5.81 -5.52
N GLY B 140 5.57 5.68 -5.59
CA GLY B 140 4.92 4.40 -5.40
C GLY B 140 5.26 3.31 -6.41
N GLY B 141 5.52 3.71 -7.65
CA GLY B 141 5.85 2.73 -8.69
C GLY B 141 7.18 2.07 -8.39
N MET B 142 8.16 2.88 -8.00
CA MET B 142 9.49 2.35 -7.68
C MET B 142 9.51 1.65 -6.32
N ALA B 143 8.61 2.06 -5.44
CA ALA B 143 8.44 1.36 -4.17
C ALA B 143 7.88 -0.03 -4.39
N ALA B 144 6.85 -0.14 -5.25
CA ALA B 144 6.31 -1.45 -5.62
C ALA B 144 7.38 -2.29 -6.31
N LEU B 145 8.23 -1.65 -7.12
CA LEU B 145 9.34 -2.37 -7.77
C LEU B 145 10.32 -2.98 -6.76
N GLU B 146 10.62 -2.22 -5.71
CA GLU B 146 11.46 -2.74 -4.62
C GLU B 146 10.88 -4.00 -3.98
N LEU B 147 9.60 -3.95 -3.64
CA LEU B 147 8.94 -5.08 -2.97
C LEU B 147 8.80 -6.25 -3.94
N ALA B 148 8.53 -5.94 -5.21
CA ALA B 148 8.43 -7.00 -6.22
C ALA B 148 9.78 -7.69 -6.46
N ARG B 149 10.84 -6.91 -6.53
CA ARG B 149 12.18 -7.49 -6.65
C ARG B 149 12.46 -8.46 -5.51
N ALA B 150 12.21 -8.02 -4.28
CA ALA B 150 12.45 -8.87 -3.11
C ALA B 150 11.58 -10.11 -3.16
N TYR B 151 10.32 -9.94 -3.53
CA TYR B 151 9.40 -11.09 -3.55
C TYR B 151 9.89 -12.13 -4.54
N LEU B 152 10.27 -11.69 -5.73
CA LEU B 152 10.82 -12.62 -6.72
C LEU B 152 12.11 -13.30 -6.24
N LEU B 153 12.98 -12.55 -5.56
CA LEU B 153 14.25 -13.13 -5.10
C LEU B 153 14.12 -14.00 -3.87
N ALA B 154 12.99 -13.91 -3.16
CA ALA B 154 12.84 -14.60 -1.88
C ALA B 154 12.58 -16.11 -2.02
N ALA B 155 12.23 -16.56 -3.23
CA ALA B 155 11.97 -17.97 -3.48
C ALA B 155 12.44 -18.40 -4.88
N PRO B 156 13.07 -19.58 -4.98
CA PRO B 156 13.77 -19.99 -6.21
C PRO B 156 12.87 -20.28 -7.42
N ASP B 157 11.60 -20.59 -7.17
CA ASP B 157 10.67 -20.96 -8.23
C ASP B 157 9.88 -19.78 -8.80
N ARG B 158 9.99 -18.61 -8.17
CA ARG B 158 9.19 -17.48 -8.65
C ARG B 158 9.70 -16.93 -9.97
N VAL B 159 8.77 -16.41 -10.79
CA VAL B 159 9.08 -15.99 -12.14
C VAL B 159 8.89 -14.48 -12.37
N ALA B 160 7.62 -14.03 -12.36
CA ALA B 160 7.31 -12.64 -12.69
C ALA B 160 6.41 -11.94 -11.69
N ALA B 161 6.44 -10.61 -11.73
CA ALA B 161 5.52 -9.80 -10.95
C ALA B 161 4.96 -8.71 -11.83
N LEU B 162 3.69 -8.36 -11.60
CA LEU B 162 3.07 -7.22 -12.26
C LEU B 162 3.04 -6.05 -11.31
N ILE B 163 3.51 -4.89 -11.76
CA ILE B 163 3.28 -3.65 -11.02
C ILE B 163 2.41 -2.72 -11.84
N THR B 164 1.39 -2.13 -11.21
CA THR B 164 0.54 -1.16 -11.89
C THR B 164 0.44 0.12 -11.09
N THR B 165 0.08 1.20 -11.78
CA THR B 165 -0.28 2.44 -11.11
C THR B 165 -1.53 2.95 -11.79
N GLY B 166 -2.30 3.77 -11.08
CA GLY B 166 -3.49 4.36 -11.63
C GLY B 166 -4.04 5.41 -10.70
N ASP B 167 -4.48 6.53 -11.26
CA ASP B 167 -5.05 7.62 -10.47
C ASP B 167 -5.94 8.46 -11.39
N ARG B 168 -6.96 9.06 -10.78
CA ARG B 168 -7.89 9.93 -11.48
C ARG B 168 -8.00 11.18 -10.62
N MET B 169 -7.39 12.28 -11.07
CA MET B 169 -7.22 13.45 -10.22
C MET B 169 -8.28 14.51 -10.50
N HIS B 170 -9.54 14.17 -10.25
CA HIS B 170 -10.66 15.04 -10.58
C HIS B 170 -11.17 15.82 -9.36
N PRO B 171 -11.95 16.89 -9.61
CA PRO B 171 -12.78 17.44 -8.53
C PRO B 171 -13.69 16.33 -7.98
N PRO B 172 -14.14 16.44 -6.73
CA PRO B 172 -14.10 17.61 -5.83
C PRO B 172 -12.79 17.81 -5.08
N GLY B 173 -12.11 16.72 -4.72
CA GLY B 173 -10.97 16.82 -3.84
C GLY B 173 -9.66 17.30 -4.44
N PHE B 174 -9.53 17.27 -5.77
CA PHE B 174 -8.24 17.56 -6.41
C PHE B 174 -8.31 18.57 -7.56
N ASP B 175 -7.36 19.50 -7.57
CA ASP B 175 -7.22 20.43 -8.67
C ASP B 175 -5.88 20.15 -9.36
N ARG B 176 -5.91 19.56 -10.55
CA ARG B 176 -4.68 19.07 -11.16
C ARG B 176 -3.65 20.17 -11.38
N TRP B 177 -4.10 21.41 -11.45
CA TRP B 177 -3.20 22.55 -11.67
C TRP B 177 -2.71 23.23 -10.39
N SER B 178 -3.57 23.29 -9.39
CA SER B 178 -3.26 24.12 -8.23
C SER B 178 -3.12 23.40 -6.88
N SER B 179 -3.44 22.11 -6.80
CA SER B 179 -3.30 21.41 -5.52
C SER B 179 -1.84 21.30 -5.10
N ASP B 180 -0.94 21.27 -6.08
CA ASP B 180 0.51 21.17 -5.84
C ASP B 180 1.20 21.96 -6.94
N PRO B 181 1.20 23.31 -6.81
CA PRO B 181 1.62 24.23 -7.87
C PRO B 181 3.08 23.99 -8.30
N GLY B 182 3.30 23.88 -9.60
CA GLY B 182 4.62 23.58 -10.13
C GLY B 182 4.63 22.19 -10.76
N THR B 183 3.60 21.41 -10.44
CA THR B 183 3.41 20.09 -11.04
C THR B 183 1.95 19.98 -11.47
N VAL B 184 1.72 19.48 -12.69
CA VAL B 184 0.37 19.35 -13.21
C VAL B 184 0.01 17.87 -13.31
N TYR B 185 -1.06 17.48 -12.63
CA TYR B 185 -1.37 16.05 -12.45
C TYR B 185 -2.20 15.46 -13.58
N ALA B 186 -1.80 14.27 -14.05
CA ALA B 186 -2.49 13.56 -15.12
C ALA B 186 -3.37 12.45 -14.56
N ASP B 187 -4.35 12.02 -15.36
CA ASP B 187 -5.08 10.78 -15.10
C ASP B 187 -4.48 9.71 -16.02
N GLY B 188 -4.37 8.47 -15.53
CA GLY B 188 -3.98 7.38 -16.39
C GLY B 188 -3.46 6.18 -15.65
N GLY B 189 -3.05 5.16 -16.40
CA GLY B 189 -2.50 3.97 -15.80
C GLY B 189 -1.19 3.57 -16.44
N THR B 190 -0.35 2.90 -15.67
CA THR B 190 0.88 2.35 -16.21
C THR B 190 1.05 0.96 -15.64
N ALA B 191 1.94 0.17 -16.24
CA ALA B 191 2.18 -1.18 -15.78
C ALA B 191 3.55 -1.66 -16.22
N LEU B 192 4.15 -2.52 -15.41
CA LEU B 192 5.44 -3.08 -15.75
C LEU B 192 5.47 -4.54 -15.31
N VAL B 193 6.05 -5.39 -16.14
CA VAL B 193 6.21 -6.79 -15.78
C VAL B 193 7.67 -7.06 -15.49
N LEU B 194 7.94 -7.45 -14.25
CA LEU B 194 9.28 -7.74 -13.80
C LEU B 194 9.49 -9.25 -13.87
N SER B 195 10.66 -9.70 -14.33
CA SER B 195 10.89 -11.14 -14.49
C SER B 195 12.31 -11.61 -14.14
N ARG B 196 12.41 -12.78 -13.52
CA ARG B 196 13.72 -13.43 -13.25
C ARG B 196 14.17 -14.30 -14.42
N GLN B 197 13.25 -14.61 -15.32
CA GLN B 197 13.52 -15.52 -16.43
C GLN B 197 14.19 -14.81 -17.62
N GLY B 198 13.60 -13.73 -18.10
CA GLY B 198 14.18 -12.98 -19.21
C GLY B 198 13.34 -11.77 -19.58
N GLY B 199 13.80 -10.99 -20.55
CA GLY B 199 13.07 -9.81 -20.99
C GLY B 199 13.91 -8.98 -21.93
N PHE B 200 13.37 -7.85 -22.37
CA PHE B 200 14.07 -7.02 -23.35
C PHE B 200 15.04 -6.01 -22.73
N ALA B 201 15.00 -5.89 -21.40
CA ALA B 201 15.90 -4.98 -20.70
C ALA B 201 16.28 -5.56 -19.35
N ARG B 202 17.47 -5.23 -18.86
CA ARG B 202 17.95 -5.76 -17.57
C ARG B 202 17.98 -4.66 -16.51
N LEU B 203 17.47 -4.97 -15.31
CA LEU B 203 17.50 -4.03 -14.20
C LEU B 203 18.88 -4.11 -13.57
N ARG B 204 19.74 -3.14 -13.88
CA ARG B 204 21.11 -3.18 -13.40
C ARG B 204 21.26 -2.68 -11.96
N SER B 205 20.39 -1.75 -11.56
CA SER B 205 20.38 -1.33 -10.16
C SER B 205 19.04 -0.69 -9.82
N LEU B 206 18.73 -0.67 -8.53
CA LEU B 206 17.55 0.01 -8.02
C LEU B 206 17.83 0.36 -6.58
N VAL B 207 17.86 1.65 -6.28
CA VAL B 207 18.22 2.12 -4.94
C VAL B 207 17.12 3.05 -4.41
N THR B 208 16.71 2.85 -3.17
CA THR B 208 15.66 3.68 -2.58
C THR B 208 16.17 4.35 -1.30
N VAL B 209 15.86 5.64 -1.17
CA VAL B 209 16.40 6.45 -0.09
C VAL B 209 15.23 7.08 0.66
N SER B 210 15.29 7.05 1.99
CA SER B 210 14.22 7.60 2.83
C SER B 210 14.74 8.73 3.73
N GLU B 211 14.03 9.87 3.72
CA GLU B 211 14.32 10.98 4.64
C GLU B 211 13.03 11.43 5.32
N PRO B 212 12.63 10.71 6.37
CA PRO B 212 11.30 10.89 6.94
C PRO B 212 11.13 12.18 7.76
N VAL B 213 12.23 12.90 8.03
CA VAL B 213 12.14 14.17 8.76
C VAL B 213 11.28 15.17 7.98
N LEU B 214 11.13 14.92 6.69
CA LEU B 214 10.42 15.80 5.79
C LEU B 214 8.92 15.46 5.69
N GLU B 215 8.45 14.43 6.40
CA GLU B 215 7.05 13.98 6.23
C GLU B 215 6.01 15.04 6.52
N GLY B 216 6.31 15.91 7.47
CA GLY B 216 5.36 16.96 7.85
C GLY B 216 5.15 18.00 6.78
N MET B 217 6.02 18.03 5.77
CA MET B 217 5.92 19.03 4.71
C MET B 217 4.61 18.91 3.91
N HIS B 218 3.99 17.74 3.94
CA HIS B 218 2.81 17.50 3.12
C HIS B 218 1.52 17.29 3.89
N ARG B 219 1.48 17.71 5.15
CA ARG B 219 0.28 17.54 5.97
C ARG B 219 0.10 18.74 6.89
N GLY B 220 -1.09 18.83 7.50
CA GLY B 220 -1.31 19.80 8.56
C GLY B 220 -0.80 19.31 9.91
N GLY B 221 -0.88 20.17 10.91
CA GLY B 221 -0.32 19.87 12.21
C GLY B 221 1.12 20.34 12.28
N HIS B 222 1.70 20.28 13.47
CA HIS B 222 3.11 20.66 13.65
C HIS B 222 4.00 19.66 12.93
N PRO B 223 4.95 20.16 12.12
CA PRO B 223 5.92 19.37 11.35
C PRO B 223 6.62 18.32 12.21
N PHE B 224 6.82 18.62 13.49
CA PHE B 224 7.54 17.66 14.33
C PHE B 224 6.68 17.14 15.49
N GLY B 225 5.37 17.20 15.27
CA GLY B 225 4.42 16.64 16.21
C GLY B 225 3.45 15.78 15.44
N PRO B 226 2.27 15.52 16.01
CA PRO B 226 1.23 14.67 15.41
C PRO B 226 0.44 15.42 14.33
N PRO B 227 -0.07 14.68 13.32
CA PRO B 227 -0.92 15.31 12.30
C PRO B 227 -2.17 15.95 12.93
N SER B 228 -2.73 16.95 12.26
CA SER B 228 -4.03 17.50 12.64
C SER B 228 -5.16 16.64 12.06
N PRO B 229 -6.42 16.90 12.49
CA PRO B 229 -7.67 16.38 11.89
C PRO B 229 -7.80 16.48 10.36
N GLU B 230 -8.61 15.58 9.80
CA GLU B 230 -8.55 15.26 8.37
C GLU B 230 -8.89 16.38 7.39
N GLU B 231 -8.78 16.04 6.11
CA GLU B 231 -8.86 17.00 5.01
C GLU B 231 -8.99 16.20 3.72
N GLN B 232 -10.18 15.65 3.48
CA GLN B 232 -10.41 14.74 2.35
C GLN B 232 -10.59 15.54 1.08
N ARG B 233 -11.39 16.59 1.17
CA ARG B 233 -11.40 17.63 0.17
C ARG B 233 -11.13 18.94 0.90
N ALA B 234 -10.12 19.67 0.45
CA ALA B 234 -9.38 19.27 -0.73
C ALA B 234 -7.87 19.25 -0.47
N VAL B 235 -7.13 18.88 -1.51
CA VAL B 235 -5.68 18.84 -1.43
C VAL B 235 -5.11 20.24 -1.68
N ASP B 236 -4.33 20.73 -0.71
CA ASP B 236 -3.63 22.01 -0.83
C ASP B 236 -2.23 21.82 -0.25
N LEU B 237 -1.28 21.44 -1.10
CA LEU B 237 0.06 21.11 -0.63
C LEU B 237 0.92 22.34 -0.32
N ASP B 238 0.64 23.45 -0.99
CA ASP B 238 1.44 24.67 -0.84
C ASP B 238 1.42 25.20 0.59
N ALA B 239 0.25 25.27 1.22
CA ALA B 239 0.16 25.77 2.59
C ALA B 239 0.97 24.94 3.58
N HIS B 240 0.85 23.62 3.49
CA HIS B 240 1.62 22.74 4.37
C HIS B 240 3.13 22.89 4.17
N LYS B 241 3.54 23.13 2.92
CA LYS B 241 4.97 23.27 2.65
C LYS B 241 5.49 24.56 3.29
N ARG B 242 4.75 25.66 3.09
CA ARG B 242 5.13 26.95 3.67
C ARG B 242 5.23 26.86 5.20
N ALA B 243 4.32 26.13 5.82
CA ALA B 243 4.35 25.96 7.28
C ALA B 243 5.58 25.15 7.70
N TYR B 244 5.87 24.10 6.97
CA TYR B 244 7.03 23.27 7.28
C TYR B 244 8.29 24.12 7.21
N VAL B 245 8.46 24.83 6.10
CA VAL B 245 9.65 25.64 5.88
C VAL B 245 9.87 26.68 6.99
N ALA B 246 8.80 27.37 7.38
CA ALA B 246 8.88 28.37 8.46
C ALA B 246 9.32 27.77 9.79
N GLU B 247 8.91 26.53 10.06
CA GLU B 247 9.31 25.86 11.30
C GLU B 247 10.73 25.27 11.27
N ALA B 248 11.05 24.53 10.21
CA ALA B 248 12.36 23.88 10.13
C ALA B 248 13.44 24.76 9.48
N GLY B 249 13.01 25.78 8.75
CA GLY B 249 13.96 26.62 8.03
C GLY B 249 14.13 26.15 6.59
N SER B 250 14.31 27.12 5.70
CA SER B 250 14.54 26.85 4.28
C SER B 250 15.87 26.13 4.04
N SER B 251 16.91 26.56 4.75
CA SER B 251 18.23 25.93 4.67
C SER B 251 18.14 24.43 4.95
N PHE B 252 17.53 24.08 6.07
CA PHE B 252 17.38 22.68 6.45
C PHE B 252 16.58 21.89 5.42
N SER B 253 15.42 22.42 5.03
CA SER B 253 14.52 21.71 4.11
C SER B 253 15.16 21.46 2.74
N VAL B 254 15.65 22.53 2.10
CA VAL B 254 16.33 22.40 0.81
C VAL B 254 17.52 21.44 0.88
N ALA B 255 18.32 21.53 1.93
CA ALA B 255 19.51 20.68 2.03
C ALA B 255 19.16 19.21 2.23
N ARG B 256 18.15 18.91 3.06
CA ARG B 256 17.76 17.52 3.26
C ARG B 256 17.18 16.92 1.98
N VAL B 257 16.42 17.73 1.23
CA VAL B 257 15.85 17.26 -0.02
C VAL B 257 16.94 17.03 -1.06
N SER B 258 17.86 17.99 -1.20
CA SER B 258 18.97 17.85 -2.15
C SER B 258 19.82 16.62 -1.85
N ALA B 259 20.03 16.37 -0.56
CA ALA B 259 20.90 15.29 -0.12
C ALA B 259 20.29 13.93 -0.45
N GLY B 260 18.98 13.82 -0.25
CA GLY B 260 18.30 12.57 -0.52
C GLY B 260 18.32 12.27 -2.01
N GLN B 261 18.11 13.29 -2.83
CA GLN B 261 18.17 13.09 -4.28
C GLN B 261 19.56 12.65 -4.72
N GLU B 262 20.58 13.26 -4.11
CA GLU B 262 21.96 12.91 -4.44
C GLU B 262 22.28 11.47 -4.03
N GLU B 263 21.76 11.03 -2.89
CA GLU B 263 22.08 9.67 -2.45
C GLU B 263 21.50 8.64 -3.42
N ALA B 264 20.26 8.86 -3.87
CA ALA B 264 19.61 7.92 -4.79
C ALA B 264 20.35 7.83 -6.13
N LEU B 265 20.71 8.99 -6.69
CA LEU B 265 21.47 9.03 -7.94
C LEU B 265 22.79 8.26 -7.83
N THR B 266 23.60 8.68 -6.88
CA THR B 266 24.94 8.11 -6.70
C THR B 266 24.89 6.63 -6.36
N GLY B 267 23.94 6.25 -5.50
CA GLY B 267 23.78 4.85 -5.14
C GLY B 267 23.42 3.98 -6.34
N ALA B 268 22.49 4.45 -7.17
CA ALA B 268 22.05 3.68 -8.34
C ALA B 268 23.16 3.56 -9.38
N LEU B 269 23.81 4.67 -9.67
CA LEU B 269 24.94 4.68 -10.61
C LEU B 269 26.08 3.79 -10.11
N GLU B 270 26.50 3.97 -8.86
CA GLU B 270 27.56 3.13 -8.32
C GLU B 270 27.21 1.64 -8.31
N ALA B 271 25.96 1.30 -8.02
CA ALA B 271 25.55 -0.10 -7.98
C ALA B 271 25.57 -0.74 -9.38
N ALA B 272 25.45 0.10 -10.40
CA ALA B 272 25.41 -0.38 -11.79
C ALA B 272 26.76 -0.26 -12.48
N GLY B 273 27.77 0.23 -11.75
CA GLY B 273 29.10 0.36 -12.33
C GLY B 273 29.17 1.47 -13.37
N ALA B 274 28.37 2.53 -13.17
CA ALA B 274 28.26 3.56 -14.19
C ALA B 274 28.31 4.96 -13.62
N GLY B 275 28.73 5.92 -14.46
CA GLY B 275 28.64 7.32 -14.13
C GLY B 275 27.55 7.95 -14.99
N LEU B 276 27.12 9.15 -14.62
CA LEU B 276 26.04 9.82 -15.33
C LEU B 276 26.35 10.03 -16.81
N ASP B 277 27.63 10.12 -17.17
CA ASP B 277 28.00 10.25 -18.58
C ASP B 277 27.77 8.94 -19.34
N ASP B 278 27.66 7.83 -18.60
CA ASP B 278 27.41 6.53 -19.22
C ASP B 278 25.94 6.34 -19.55
N ILE B 279 25.11 7.29 -19.10
CA ILE B 279 23.67 7.19 -19.27
C ILE B 279 23.22 7.86 -20.57
N SER B 280 22.53 7.12 -21.44
CA SER B 280 22.04 7.70 -22.70
C SER B 280 20.78 8.55 -22.54
N ARG B 281 19.85 8.10 -21.69
CA ARG B 281 18.60 8.83 -21.48
C ARG B 281 18.23 8.83 -19.99
N VAL B 282 17.75 9.97 -19.51
CA VAL B 282 17.34 10.08 -18.12
C VAL B 282 15.82 10.22 -18.04
N VAL B 283 15.17 9.27 -17.37
CA VAL B 283 13.72 9.37 -17.21
C VAL B 283 13.44 10.18 -15.95
N LEU B 284 13.00 11.42 -16.13
CA LEU B 284 12.73 12.32 -15.02
C LEU B 284 11.25 12.33 -14.66
N PRO B 285 10.90 12.76 -13.43
CA PRO B 285 9.49 12.90 -13.10
C PRO B 285 8.84 13.93 -14.02
N HIS B 286 7.53 13.82 -14.25
CA HIS B 286 6.84 14.80 -15.07
C HIS B 286 6.41 16.03 -14.25
N MET B 287 7.40 16.76 -13.73
CA MET B 287 7.13 18.01 -13.03
C MET B 287 7.28 19.16 -14.01
N GLY B 288 6.85 20.35 -13.60
CA GLY B 288 7.01 21.53 -14.44
C GLY B 288 8.47 21.93 -14.59
N TRP B 289 8.72 22.89 -15.48
CA TRP B 289 10.10 23.25 -15.83
C TRP B 289 10.89 23.80 -14.64
N ARG B 290 10.23 24.62 -13.83
CA ARG B 290 10.90 25.27 -12.73
C ARG B 290 11.40 24.25 -11.72
N ARG B 291 10.55 23.29 -11.37
CA ARG B 291 10.98 22.22 -10.46
C ARG B 291 12.06 21.34 -11.09
N LEU B 292 11.91 20.99 -12.36
CA LEU B 292 12.91 20.12 -13.00
C LEU B 292 14.28 20.83 -13.13
N SER B 293 14.26 22.14 -13.35
CA SER B 293 15.49 22.90 -13.44
C SER B 293 16.18 22.97 -12.10
N ALA B 294 15.43 23.31 -11.06
CA ALA B 294 16.01 23.39 -9.73
C ALA B 294 16.60 22.06 -9.29
N ALA B 295 15.87 20.97 -9.54
CA ALA B 295 16.25 19.64 -9.04
C ALA B 295 17.31 18.93 -9.88
N TYR B 296 17.24 19.10 -11.20
CA TYR B 296 18.01 18.25 -12.12
C TYR B 296 18.85 19.03 -13.15
N PHE B 297 18.20 19.84 -13.97
CA PHE B 297 18.91 20.52 -15.07
C PHE B 297 20.04 21.46 -14.60
N ASN B 298 19.74 22.33 -13.64
CA ASN B 298 20.73 23.29 -13.16
C ASN B 298 21.56 22.76 -12.01
N LYS B 299 21.32 21.50 -11.66
CA LYS B 299 22.05 20.83 -10.59
C LYS B 299 23.03 19.82 -11.18
N TRP B 300 22.52 18.93 -12.04
CA TRP B 300 23.35 17.91 -12.67
C TRP B 300 23.96 18.43 -13.96
N HIS B 301 23.47 19.55 -14.46
CA HIS B 301 23.92 20.12 -15.74
C HIS B 301 23.81 19.11 -16.88
N ILE B 302 22.63 18.52 -17.01
CA ILE B 302 22.32 17.71 -18.18
C ILE B 302 21.37 18.50 -19.05
N GLN B 303 21.28 18.14 -20.32
CA GLN B 303 20.40 18.85 -21.24
C GLN B 303 19.04 18.16 -21.30
N PRO B 304 17.96 18.94 -21.50
CA PRO B 304 16.59 18.43 -21.59
C PRO B 304 16.44 17.33 -22.63
N GLU B 305 17.16 17.47 -23.74
CA GLU B 305 17.09 16.51 -24.86
C GLU B 305 17.58 15.13 -24.45
N ARG B 306 18.31 15.07 -23.34
CA ARG B 306 18.83 13.82 -22.82
C ARG B 306 17.80 13.15 -21.89
N THR B 307 16.63 13.80 -21.74
CA THR B 307 15.61 13.35 -20.80
C THR B 307 14.22 13.16 -21.44
N THR B 308 13.25 12.77 -20.64
CA THR B 308 11.87 12.62 -21.10
C THR B 308 11.04 13.90 -20.94
N TRP B 309 11.73 15.03 -20.87
CA TRP B 309 11.08 16.33 -20.70
C TRP B 309 9.97 16.61 -21.70
N GLU B 310 10.24 16.41 -22.99
CA GLU B 310 9.22 16.71 -24.00
C GLU B 310 8.02 15.76 -23.88
N PHE B 311 8.27 14.50 -23.55
CA PHE B 311 7.18 13.54 -23.33
C PHE B 311 6.35 13.89 -22.08
N GLY B 312 7.05 14.14 -20.98
CA GLY B 312 6.38 14.46 -19.72
C GLY B 312 5.56 15.74 -19.77
N ARG B 313 6.07 16.76 -20.43
CA ARG B 313 5.36 18.04 -20.48
C ARG B 313 4.09 17.97 -21.32
N ARG B 314 3.90 16.84 -22.03
CA ARG B 314 2.69 16.65 -22.82
C ARG B 314 1.75 15.64 -22.14
N THR B 315 2.25 14.98 -21.10
CA THR B 315 1.55 13.89 -20.46
C THR B 315 1.00 14.32 -19.11
N GLY B 316 1.87 14.89 -18.28
CA GLY B 316 1.47 15.25 -16.92
C GLY B 316 1.97 14.20 -15.94
N HIS B 317 1.88 14.52 -14.65
CA HIS B 317 2.41 13.68 -13.60
C HIS B 317 1.43 12.54 -13.27
N LEU B 318 1.91 11.31 -13.46
CA LEU B 318 1.12 10.10 -13.23
C LEU B 318 1.46 9.49 -11.88
N GLY B 319 1.93 10.33 -10.94
CA GLY B 319 2.34 9.87 -9.63
C GLY B 319 3.50 8.90 -9.68
N GLY B 320 3.33 7.76 -9.03
CA GLY B 320 4.33 6.71 -9.03
C GLY B 320 4.59 6.15 -10.42
N GLY B 321 3.69 6.46 -11.35
CA GLY B 321 3.78 5.89 -12.69
C GLY B 321 4.74 6.56 -13.68
N ASP B 322 5.19 7.77 -13.38
CA ASP B 322 6.10 8.48 -14.29
C ASP B 322 7.29 7.67 -14.83
N PRO B 323 8.02 6.96 -13.95
CA PRO B 323 9.18 6.27 -14.53
C PRO B 323 8.78 5.13 -15.46
N ILE B 324 7.64 4.50 -15.19
CA ILE B 324 7.15 3.46 -16.09
C ILE B 324 6.70 4.09 -17.42
N ALA B 325 5.96 5.18 -17.37
CA ALA B 325 5.48 5.83 -18.61
C ALA B 325 6.64 6.33 -19.46
N GLY B 326 7.63 6.94 -18.80
CA GLY B 326 8.81 7.45 -19.47
C GLY B 326 9.69 6.39 -20.12
N PHE B 327 9.90 5.27 -19.42
CA PHE B 327 10.68 4.19 -19.98
C PHE B 327 9.95 3.58 -21.18
N ASP B 328 8.64 3.40 -21.03
CA ASP B 328 7.81 2.83 -22.09
C ASP B 328 7.87 3.69 -23.35
N HIS B 329 7.86 5.01 -23.16
CA HIS B 329 7.94 5.94 -24.29
C HIS B 329 9.28 5.86 -25.00
N LEU B 330 10.36 5.88 -24.22
CA LEU B 330 11.71 5.80 -24.78
C LEU B 330 11.89 4.51 -25.58
N VAL B 331 11.48 3.39 -25.00
CA VAL B 331 11.63 2.11 -25.66
C VAL B 331 10.68 2.02 -26.86
N GLY B 332 9.42 2.37 -26.64
CA GLY B 332 8.41 2.28 -27.68
C GLY B 332 8.68 3.13 -28.90
N SER B 333 9.36 4.26 -28.72
CA SER B 333 9.59 5.18 -29.84
C SER B 333 10.98 5.00 -30.44
N GLY B 334 11.71 4.00 -29.97
CA GLY B 334 13.03 3.71 -30.48
C GLY B 334 14.10 4.70 -30.09
N ARG B 335 13.83 5.52 -29.07
CA ARG B 335 14.80 6.53 -28.64
C ARG B 335 15.87 5.96 -27.70
N LEU B 336 15.71 4.71 -27.32
CA LEU B 336 16.73 4.03 -26.54
C LEU B 336 17.20 2.83 -27.35
N ALA B 337 18.50 2.66 -27.49
CA ALA B 337 19.06 1.63 -28.38
C ALA B 337 19.64 0.48 -27.58
N PRO B 338 19.67 -0.73 -28.19
CA PRO B 338 20.31 -1.89 -27.57
C PRO B 338 21.70 -1.54 -27.05
N GLY B 339 22.02 -2.02 -25.85
CA GLY B 339 23.31 -1.72 -25.24
C GLY B 339 23.32 -0.44 -24.41
N GLU B 340 22.37 0.45 -24.67
CA GLU B 340 22.30 1.72 -23.93
C GLU B 340 21.68 1.61 -22.53
N LEU B 341 22.17 2.45 -21.61
CA LEU B 341 21.68 2.52 -20.24
C LEU B 341 20.68 3.66 -20.08
N CYS B 342 19.62 3.40 -19.32
CA CYS B 342 18.60 4.39 -19.00
C CYS B 342 18.62 4.60 -17.50
N LEU B 343 18.51 5.85 -17.04
CA LEU B 343 18.42 6.12 -15.61
C LEU B 343 17.00 6.57 -15.24
N LEU B 344 16.32 5.81 -14.37
CA LEU B 344 14.99 6.19 -13.92
C LEU B 344 15.11 7.04 -12.66
N VAL B 345 14.44 8.19 -12.64
CA VAL B 345 14.49 9.08 -11.48
C VAL B 345 13.07 9.31 -10.95
N SER B 346 12.85 9.03 -9.67
CA SER B 346 11.53 9.19 -9.06
C SER B 346 11.64 9.73 -7.63
N VAL B 347 10.66 10.53 -7.23
CA VAL B 347 10.70 11.12 -5.90
C VAL B 347 9.28 11.15 -5.38
N GLY B 348 9.11 10.99 -4.07
CA GLY B 348 7.80 11.07 -3.48
C GLY B 348 7.86 11.81 -2.17
N ALA B 349 6.77 12.47 -1.82
CA ALA B 349 6.62 13.11 -0.52
C ALA B 349 6.93 12.09 0.57
N GLY B 350 7.43 12.57 1.70
CA GLY B 350 7.84 11.65 2.77
C GLY B 350 9.13 12.05 3.49
N PHE B 351 10.25 12.19 2.79
CA PHE B 351 10.40 11.96 1.35
C PHE B 351 10.97 10.58 1.09
N SER B 352 10.80 10.13 -0.14
CA SER B 352 11.45 8.91 -0.62
C SER B 352 11.97 9.18 -2.01
N TRP B 353 13.16 8.66 -2.31
CA TRP B 353 13.69 8.74 -3.67
C TRP B 353 14.09 7.36 -4.14
N SER B 354 13.90 7.11 -5.43
CA SER B 354 14.36 5.89 -6.04
C SER B 354 15.00 6.24 -7.37
N CYS B 355 16.16 5.64 -7.62
CA CYS B 355 16.78 5.70 -8.93
C CYS B 355 17.09 4.28 -9.36
N ALA B 356 17.03 4.06 -10.67
CA ALA B 356 17.31 2.74 -11.22
C ALA B 356 18.08 2.90 -12.53
N VAL B 357 19.04 2.00 -12.75
CA VAL B 357 19.70 1.95 -14.05
C VAL B 357 19.21 0.73 -14.81
N VAL B 358 18.71 0.95 -16.02
CA VAL B 358 18.14 -0.11 -16.82
C VAL B 358 18.93 -0.17 -18.12
N GLU B 359 19.37 -1.36 -18.51
CA GLU B 359 20.09 -1.57 -19.77
C GLU B 359 19.17 -2.23 -20.79
N LEU B 360 18.99 -1.59 -21.94
CA LEU B 360 18.16 -2.17 -22.99
C LEU B 360 18.95 -3.26 -23.68
N LEU B 361 18.37 -4.46 -23.74
CA LEU B 361 19.08 -5.61 -24.33
C LEU B 361 18.74 -5.79 -25.80
N GLU B 362 17.48 -5.55 -26.15
CA GLU B 362 17.03 -5.67 -27.53
C GLU B 362 15.79 -4.81 -27.75
N ARG B 363 15.58 -4.37 -28.98
CA ARG B 363 14.35 -3.66 -29.28
C ARG B 363 13.20 -4.65 -29.32
N PRO B 364 12.17 -4.40 -28.51
CA PRO B 364 11.02 -5.32 -28.49
C PRO B 364 10.20 -5.15 -29.75
N SER B 365 9.41 -6.17 -30.09
CA SER B 365 8.66 -6.19 -31.34
C SER B 365 7.65 -5.05 -31.46
N TRP B 366 7.17 -4.56 -30.32
CA TRP B 366 6.16 -3.51 -30.31
C TRP B 366 6.72 -2.10 -30.48
N ALA B 367 8.05 -1.98 -30.49
CA ALA B 367 8.70 -0.68 -30.65
C ALA B 367 8.82 -0.26 -32.12
N ALA B 368 9.33 0.95 -32.34
CA ALA B 368 9.64 1.45 -33.69
C ALA B 368 11.14 1.50 -33.93
#